data_5NPE
#
_entry.id   5NPE
#
_cell.length_a   197.000
_cell.length_b   197.000
_cell.length_c   103.000
_cell.angle_alpha   90.00
_cell.angle_beta   90.00
_cell.angle_gamma   120.00
#
_symmetry.space_group_name_H-M   'P 6 2 2'
#
loop_
_entity.id
_entity.type
_entity.pdbx_description
1 polymer 'Oligosaccharide 4-alpha-D-glucosyltransferase'
2 non-polymer 'SULFATE ION'
3 non-polymer 'TETRAETHYLENE GLYCOL'
4 non-polymer 1,2-ETHANEDIOL
5 non-polymer (1~{R},2~{S},3~{S},4~{R},5~{R},6~{R})-5-(hydroxymethyl)-7-azabicyclo[4.1.0]heptane-2,3,4-triol
6 non-polymer 'OXALATE ION'
7 water water
#
_entity_poly.entity_id   1
_entity_poly.type   'polypeptide(L)'
_entity_poly.pdbx_seq_one_letter_code
;MNPVKREIHPDAVFYKEHKLRNDGLVITTNQGNIRLQFKSEAAIEVLYRADSKQLPSFALAQPESAIKAQLTETENHLQF
SGGTLTARIQKRPFAISYYRDSELLLAEESGFQVNTDKINFRFYLSPGEKILGGGQRILGMDRRGQRFPLYNRAHYGYSD
HSGQMYFGLPAIMSSKQYILVFDNSASGAMDIGKTESDILQLEAKSGRSAYILVAGNSYPSLIENFTQVTGRQPLPPRWA
LGSFASRFGYRSEAETRATVQKYKTEDFPLDTIVLDLYWFGKDIKGHMGNLDWDKENFPTPLDMMADFKQQGVKTVLITE
PFVLTSSKRWDDAVKAKALAKDPQGQPKAFELYFGNGGIIDVFSKEGSRWFSSIYKDLSKQGVAGWWGDLGEPEMHPEDT
QHAIGDADTVHNAYGHRWAEMLYQQQLDQFPELRPFIMMRAGFVGSQRYGMIPWTGDVSRTWGGLASQVELALQMSLLGF
GYIHSDLGGFADGETLDKEMYIRWLQYGVFQPVYRPHGQDHIPSEPVFQDEETKAILRPLVKLRYRMLPYIYTAAYQNTL
TGMPLMRPLFFSDEKNPALIDNKTSYFWGDSLLVTPITQAGVESVSIPAPKGVWFDFWKDTRYQTDGAPLTLPTDLHTIP
VLVKAGAFMPYVPAVSTTEDYRSDSLEIHYYADASVPLAQGEIFEDDGKDPNSIKRNQFDLLTLQATHTDNQLHFQLART
GKGYRGMPERRATTLVIHNASDQYQHLDINGKTIAIAQADCASTPALACYDQERRQLQLVFTWGREALNLRLHKGGRADP
AFLYKVVINSKLEGKPIPNPLLGLDSTRTGHHHHHH
;
_entity_poly.pdbx_strand_id   A
#
# COMPACT_ATOMS: atom_id res chain seq x y z
N ALA A 12 27.47 0.83 -32.69
CA ALA A 12 26.82 0.21 -33.91
C ALA A 12 26.20 -1.17 -33.63
N VAL A 13 24.87 -1.25 -33.64
CA VAL A 13 24.16 -2.51 -33.36
C VAL A 13 23.22 -2.77 -34.50
N PHE A 14 23.17 -4.02 -34.94
CA PHE A 14 22.25 -4.43 -35.98
C PHE A 14 21.75 -5.86 -35.79
N TYR A 15 20.52 -6.09 -36.27
CA TYR A 15 19.89 -7.40 -36.32
C TYR A 15 20.74 -8.37 -37.15
N LYS A 16 20.92 -9.60 -36.71
N LYS A 16 20.98 -9.59 -36.66
CA LYS A 16 21.56 -10.62 -37.55
CA LYS A 16 21.62 -10.66 -37.45
C LYS A 16 20.67 -11.83 -37.83
C LYS A 16 20.63 -11.77 -37.81
N GLU A 17 19.99 -12.35 -36.80
CA GLU A 17 19.12 -13.50 -36.99
C GLU A 17 18.15 -13.64 -35.78
N HIS A 18 17.00 -14.31 -35.97
CA HIS A 18 16.12 -14.69 -34.84
C HIS A 18 15.55 -16.12 -34.90
N LYS A 19 15.00 -16.56 -33.77
CA LYS A 19 14.12 -17.74 -33.75
C LYS A 19 13.20 -17.75 -32.54
N LEU A 20 12.16 -18.58 -32.63
CA LEU A 20 11.24 -18.87 -31.53
C LEU A 20 11.64 -20.16 -30.81
N ARG A 21 11.72 -20.10 -29.49
CA ARG A 21 11.84 -21.31 -28.69
C ARG A 21 11.01 -21.14 -27.42
N ASN A 22 10.00 -22.00 -27.24
CA ASN A 22 9.13 -22.03 -26.07
C ASN A 22 8.38 -20.72 -25.87
N ASP A 23 7.74 -20.29 -26.94
CA ASP A 23 6.98 -19.05 -27.03
C ASP A 23 7.77 -17.75 -26.96
N GLY A 24 9.05 -17.83 -26.60
CA GLY A 24 9.92 -16.64 -26.57
C GLY A 24 10.70 -16.44 -27.86
N LEU A 25 10.91 -15.17 -28.23
CA LEU A 25 11.69 -14.76 -29.39
C LEU A 25 13.11 -14.45 -28.96
N VAL A 26 14.08 -15.23 -29.47
CA VAL A 26 15.50 -15.00 -29.21
C VAL A 26 16.10 -14.37 -30.45
N ILE A 27 16.57 -13.15 -30.31
CA ILE A 27 17.18 -12.38 -31.39
C ILE A 27 18.70 -12.35 -31.21
N THR A 28 19.44 -12.40 -32.31
CA THR A 28 20.91 -12.32 -32.29
C THR A 28 21.30 -11.05 -33.01
N THR A 29 22.07 -10.20 -32.35
CA THR A 29 22.64 -9.03 -33.01
C THR A 29 24.15 -9.29 -33.16
N ASN A 30 24.86 -8.33 -33.74
CA ASN A 30 26.32 -8.31 -33.67
C ASN A 30 26.87 -8.30 -32.23
N GLN A 31 26.11 -7.80 -31.25
CA GLN A 31 26.60 -7.72 -29.88
C GLN A 31 26.22 -8.87 -28.94
N GLY A 32 25.15 -9.58 -29.23
CA GLY A 32 24.83 -10.84 -28.53
C GLY A 32 23.35 -11.16 -28.64
N ASN A 33 22.87 -11.96 -27.71
CA ASN A 33 21.47 -12.43 -27.73
C ASN A 33 20.54 -11.56 -26.86
N ILE A 34 19.28 -11.50 -27.28
CA ILE A 34 18.20 -10.74 -26.62
C ILE A 34 16.96 -11.66 -26.54
N ARG A 35 16.46 -11.96 -25.33
CA ARG A 35 15.23 -12.79 -25.18
C ARG A 35 14.01 -11.93 -24.87
N LEU A 36 12.97 -12.06 -25.70
CA LEU A 36 11.68 -11.40 -25.49
C LEU A 36 10.61 -12.45 -25.13
N GLN A 37 10.03 -12.34 -23.95
CA GLN A 37 8.93 -13.23 -23.51
C GLN A 37 7.79 -12.39 -22.96
N PHE A 38 6.60 -12.58 -23.54
CA PHE A 38 5.38 -11.96 -23.02
C PHE A 38 5.00 -12.69 -21.76
N LYS A 39 4.91 -11.94 -20.64
CA LYS A 39 4.49 -12.47 -19.35
C LYS A 39 2.97 -12.42 -19.18
N SER A 40 2.29 -11.73 -20.09
CA SER A 40 0.84 -11.67 -20.18
C SER A 40 0.57 -10.94 -21.48
N GLU A 41 -0.70 -10.67 -21.81
CA GLU A 41 -1.07 -10.02 -23.08
C GLU A 41 -0.64 -8.55 -23.21
N ALA A 42 -0.29 -7.92 -22.08
CA ALA A 42 0.10 -6.51 -22.04
C ALA A 42 1.40 -6.27 -21.26
N ALA A 43 2.20 -7.32 -21.04
CA ALA A 43 3.47 -7.22 -20.29
C ALA A 43 4.58 -8.03 -20.98
N ILE A 44 5.75 -7.42 -21.17
CA ILE A 44 6.87 -8.08 -21.88
C ILE A 44 8.18 -7.91 -21.12
N GLU A 45 8.91 -9.03 -20.97
CA GLU A 45 10.24 -9.05 -20.40
C GLU A 45 11.22 -9.06 -21.57
N VAL A 46 12.13 -8.09 -21.58
CA VAL A 46 13.22 -7.98 -22.59
C VAL A 46 14.56 -8.21 -21.88
N LEU A 47 15.19 -9.38 -22.10
CA LEU A 47 16.45 -9.75 -21.45
C LEU A 47 17.59 -9.61 -22.47
N TYR A 48 18.48 -8.63 -22.27
CA TYR A 48 19.69 -8.48 -23.08
C TYR A 48 20.78 -9.34 -22.40
N ARG A 49 21.85 -9.63 -23.13
CA ARG A 49 22.86 -10.62 -22.75
C ARG A 49 22.25 -11.97 -22.37
N ALA A 50 21.24 -12.40 -23.11
CA ALA A 50 20.47 -13.61 -22.72
C ALA A 50 21.29 -14.88 -22.73
N ASP A 51 22.32 -14.89 -23.56
CA ASP A 51 23.32 -15.96 -23.65
C ASP A 51 24.10 -16.20 -22.33
N SER A 52 24.37 -15.12 -21.58
CA SER A 52 25.20 -15.18 -20.35
C SER A 52 24.45 -15.54 -19.05
N LYS A 53 25.19 -16.01 -18.04
CA LYS A 53 24.65 -16.30 -16.68
C LYS A 53 24.48 -14.97 -15.96
N GLN A 54 23.27 -14.72 -15.44
CA GLN A 54 23.05 -13.52 -14.62
C GLN A 54 21.99 -13.78 -13.57
N LEU A 55 21.89 -12.86 -12.61
CA LEU A 55 20.88 -12.95 -11.54
C LEU A 55 19.51 -13.15 -12.15
N PRO A 56 18.65 -13.89 -11.46
CA PRO A 56 17.27 -14.03 -11.95
C PRO A 56 16.42 -12.77 -11.75
N SER A 57 15.25 -12.77 -12.41
CA SER A 57 14.28 -11.73 -12.14
C SER A 57 13.88 -11.69 -10.66
N PHE A 58 13.76 -10.50 -10.11
CA PHE A 58 13.15 -10.32 -8.80
C PHE A 58 11.72 -9.77 -8.90
N ALA A 59 11.45 -9.03 -9.96
CA ALA A 59 10.20 -8.30 -10.09
C ALA A 59 9.03 -9.18 -10.50
N LEU A 60 9.30 -10.30 -11.17
CA LEU A 60 8.22 -11.09 -11.77
C LEU A 60 7.75 -12.11 -10.76
N ALA A 61 6.43 -12.20 -10.63
CA ALA A 61 5.79 -13.23 -9.80
C ALA A 61 6.03 -14.65 -10.39
N GLN A 62 5.92 -14.76 -11.71
CA GLN A 62 6.20 -16.02 -12.44
C GLN A 62 7.30 -15.86 -13.51
N PRO A 63 8.57 -15.88 -13.05
CA PRO A 63 9.71 -15.61 -13.96
C PRO A 63 9.77 -16.48 -15.22
N GLU A 64 9.39 -17.76 -15.11
CA GLU A 64 9.47 -18.73 -16.25
C GLU A 64 8.37 -18.57 -17.29
N SER A 65 7.27 -17.89 -16.95
CA SER A 65 6.11 -17.90 -17.85
C SER A 65 6.42 -17.17 -19.16
N ALA A 66 5.81 -17.65 -20.23
CA ALA A 66 5.85 -17.01 -21.54
C ALA A 66 4.61 -17.46 -22.26
N ILE A 67 3.70 -16.52 -22.47
CA ILE A 67 2.44 -16.82 -23.14
C ILE A 67 2.63 -16.73 -24.64
N LYS A 68 1.77 -17.45 -25.37
CA LYS A 68 1.79 -17.52 -26.84
C LYS A 68 1.60 -16.14 -27.49
N ALA A 69 2.57 -15.73 -28.30
CA ALA A 69 2.51 -14.46 -29.02
C ALA A 69 2.61 -14.67 -30.52
N GLN A 70 2.30 -13.62 -31.26
CA GLN A 70 2.29 -13.65 -32.70
C GLN A 70 3.58 -12.97 -33.18
N LEU A 71 4.31 -13.59 -34.12
CA LEU A 71 5.51 -13.00 -34.77
C LEU A 71 5.31 -12.76 -36.26
N THR A 72 5.59 -11.54 -36.75
CA THR A 72 5.66 -11.28 -38.20
C THR A 72 6.90 -10.47 -38.59
N GLU A 73 7.37 -10.71 -39.81
CA GLU A 73 8.64 -10.17 -40.34
C GLU A 73 8.40 -9.33 -41.59
N THR A 74 9.22 -8.28 -41.76
CA THR A 74 9.25 -7.47 -42.96
C THR A 74 10.73 -7.16 -43.28
N GLU A 75 10.95 -6.37 -44.33
CA GLU A 75 12.29 -6.03 -44.80
C GLU A 75 13.13 -5.46 -43.64
N ASN A 76 12.71 -4.30 -43.11
CA ASN A 76 13.47 -3.54 -42.11
C ASN A 76 13.06 -3.78 -40.61
N HIS A 77 12.05 -4.62 -40.35
CA HIS A 77 11.43 -4.77 -39.00
C HIS A 77 10.96 -6.19 -38.68
N LEU A 78 10.98 -6.54 -37.39
CA LEU A 78 10.16 -7.63 -36.81
C LEU A 78 9.05 -7.05 -35.91
N GLN A 79 8.04 -7.87 -35.64
CA GLN A 79 6.88 -7.48 -34.84
C GLN A 79 6.39 -8.65 -34.03
N PHE A 80 6.43 -8.48 -32.70
CA PHE A 80 6.13 -9.56 -31.77
C PHE A 80 4.99 -9.01 -30.90
N SER A 81 3.81 -9.62 -30.99
N SER A 81 3.81 -9.62 -30.99
CA SER A 81 2.56 -9.07 -30.44
CA SER A 81 2.56 -9.07 -30.44
C SER A 81 1.85 -10.00 -29.50
C SER A 81 1.85 -10.00 -29.50
N GLY A 82 1.49 -9.46 -28.34
CA GLY A 82 0.74 -10.21 -27.32
C GLY A 82 -0.77 -10.03 -27.31
N GLY A 83 -1.32 -9.03 -28.00
CA GLY A 83 -2.78 -8.86 -27.97
C GLY A 83 -3.29 -7.54 -27.42
N THR A 84 -2.55 -6.92 -26.53
CA THR A 84 -2.63 -5.44 -26.45
C THR A 84 -1.25 -4.79 -26.71
N LEU A 85 -0.21 -5.40 -26.14
CA LEU A 85 1.14 -4.92 -26.31
C LEU A 85 1.86 -5.56 -27.52
N THR A 86 2.38 -4.69 -28.40
CA THR A 86 3.28 -5.05 -29.50
C THR A 86 4.69 -4.44 -29.43
N ALA A 87 5.71 -5.33 -29.49
CA ALA A 87 7.11 -4.90 -29.64
C ALA A 87 7.47 -4.83 -31.12
N ARG A 88 7.96 -3.67 -31.57
CA ARG A 88 8.36 -3.46 -32.96
C ARG A 88 9.86 -3.29 -32.96
N ILE A 89 10.53 -4.22 -33.64
CA ILE A 89 11.97 -4.36 -33.62
C ILE A 89 12.55 -3.88 -34.97
N GLN A 90 13.09 -2.66 -35.00
CA GLN A 90 13.79 -2.11 -36.17
C GLN A 90 15.15 -2.84 -36.32
N LYS A 91 15.42 -3.37 -37.52
CA LYS A 91 16.61 -4.21 -37.75
C LYS A 91 17.93 -3.41 -37.82
N ARG A 92 17.91 -2.27 -38.51
CA ARG A 92 19.13 -1.50 -38.75
C ARG A 92 18.86 0.00 -38.74
N PRO A 93 19.46 0.76 -37.82
CA PRO A 93 20.10 0.26 -36.60
C PRO A 93 19.11 -0.44 -35.65
N PHE A 94 19.63 -1.30 -34.78
CA PHE A 94 18.79 -2.09 -33.90
C PHE A 94 18.13 -1.23 -32.80
N ALA A 95 16.80 -1.23 -32.75
CA ALA A 95 16.05 -0.42 -31.76
C ALA A 95 14.68 -1.06 -31.59
N ILE A 96 14.27 -1.29 -30.35
CA ILE A 96 12.94 -1.87 -30.09
C ILE A 96 12.07 -0.72 -29.62
N SER A 97 10.85 -0.67 -30.13
CA SER A 97 9.86 0.23 -29.58
C SER A 97 8.56 -0.55 -29.26
N TYR A 98 7.70 0.10 -28.49
CA TYR A 98 6.57 -0.59 -27.87
C TYR A 98 5.28 0.17 -28.18
N TYR A 99 4.27 -0.59 -28.62
CA TYR A 99 2.95 -0.06 -29.06
C TYR A 99 1.77 -0.74 -28.34
N ARG A 100 0.79 0.07 -27.98
CA ARG A 100 -0.53 -0.41 -27.54
C ARG A 100 -1.44 0.00 -28.68
N ASP A 101 -2.08 -0.99 -29.32
CA ASP A 101 -2.73 -0.80 -30.65
C ASP A 101 -1.61 -0.43 -31.63
N SER A 102 -1.76 0.71 -32.31
CA SER A 102 -0.66 1.37 -32.96
C SER A 102 -0.37 2.74 -32.30
N GLU A 103 -0.55 2.87 -30.99
CA GLU A 103 -0.03 4.06 -30.28
C GLU A 103 1.33 3.75 -29.69
N LEU A 104 2.29 4.63 -29.96
CA LEU A 104 3.64 4.45 -29.49
C LEU A 104 3.69 4.78 -28.02
N LEU A 105 4.15 3.82 -27.24
CA LEU A 105 4.34 3.96 -25.83
C LEU A 105 5.73 4.50 -25.54
N LEU A 106 6.72 3.72 -25.95
CA LEU A 106 8.10 3.93 -25.54
C LEU A 106 9.00 3.36 -26.63
N ALA A 107 9.98 4.16 -27.08
CA ALA A 107 11.03 3.76 -28.04
C ALA A 107 12.45 3.79 -27.43
N GLU A 108 13.20 2.71 -27.63
CA GLU A 108 14.63 2.71 -27.40
C GLU A 108 15.34 3.81 -28.24
N GLU A 109 16.33 4.43 -27.62
CA GLU A 109 17.22 5.33 -28.33
C GLU A 109 18.36 4.39 -28.73
N SER A 110 19.51 4.48 -28.07
CA SER A 110 20.56 3.50 -28.30
C SER A 110 20.27 2.18 -27.57
N GLY A 111 19.33 2.18 -26.64
CA GLY A 111 18.93 0.94 -25.96
C GLY A 111 19.96 0.45 -24.95
N PHE A 112 20.34 -0.82 -25.04
CA PHE A 112 21.34 -1.44 -24.16
C PHE A 112 22.81 -1.10 -24.55
N GLN A 113 23.69 -0.80 -23.58
CA GLN A 113 25.14 -0.58 -23.83
C GLN A 113 26.05 -1.10 -22.70
N VAL A 114 27.36 -1.21 -23.00
CA VAL A 114 28.46 -1.98 -22.26
C VAL A 114 28.02 -3.33 -21.68
N LYS A 118 29.48 -2.50 -17.26
CA LYS A 118 28.34 -1.72 -16.71
C LYS A 118 27.08 -1.82 -17.57
N ILE A 119 25.93 -1.50 -16.99
CA ILE A 119 24.65 -1.71 -17.62
C ILE A 119 24.05 -0.33 -17.83
N ASN A 120 23.48 -0.15 -19.01
CA ASN A 120 22.96 1.12 -19.38
C ASN A 120 21.86 0.90 -20.42
N PHE A 121 20.67 1.44 -20.15
CA PHE A 121 19.54 1.42 -21.07
C PHE A 121 19.12 2.86 -21.30
N ARG A 122 18.92 3.22 -22.57
CA ARG A 122 18.53 4.57 -22.98
C ARG A 122 17.29 4.47 -23.87
N PHE A 123 16.28 5.31 -23.57
CA PHE A 123 15.00 5.41 -24.28
C PHE A 123 14.71 6.86 -24.54
N TYR A 124 13.94 7.11 -25.61
CA TYR A 124 13.39 8.45 -25.88
C TYR A 124 12.19 8.76 -24.98
N LEU A 125 12.09 10.01 -24.55
CA LEU A 125 10.86 10.51 -23.93
C LEU A 125 10.15 11.38 -24.96
N SER A 126 8.83 11.30 -25.02
CA SER A 126 8.03 12.09 -25.98
C SER A 126 7.89 13.47 -25.39
N PRO A 127 7.65 14.49 -26.25
CA PRO A 127 7.48 15.82 -25.64
C PRO A 127 6.13 15.85 -24.90
N GLY A 128 6.13 16.53 -23.76
CA GLY A 128 4.95 16.59 -22.91
C GLY A 128 4.70 15.35 -22.01
N GLU A 129 5.39 14.24 -22.26
CA GLU A 129 5.23 13.02 -21.45
C GLU A 129 5.63 13.33 -19.98
N LYS A 130 4.74 13.00 -19.03
CA LYS A 130 4.97 13.14 -17.59
C LYS A 130 5.37 11.78 -17.01
N ILE A 131 6.30 11.77 -16.06
CA ILE A 131 6.83 10.51 -15.56
C ILE A 131 6.79 10.44 -14.04
N LEU A 132 5.89 9.59 -13.50
CA LEU A 132 5.93 9.24 -12.09
C LEU A 132 6.90 8.09 -11.93
N GLY A 133 7.40 7.89 -10.73
CA GLY A 133 8.23 6.71 -10.44
C GLY A 133 9.35 6.93 -9.45
N GLY A 134 10.20 5.90 -9.32
CA GLY A 134 11.36 5.99 -8.43
C GLY A 134 11.12 5.56 -7.03
N GLY A 135 9.85 5.26 -6.69
CA GLY A 135 9.51 4.95 -5.31
C GLY A 135 9.60 6.19 -4.46
N GLN A 136 10.16 6.04 -3.27
CA GLN A 136 10.18 7.13 -2.32
C GLN A 136 11.22 8.17 -2.69
N ARG A 137 10.72 9.30 -3.17
CA ARG A 137 11.47 10.57 -3.34
C ARG A 137 10.53 11.72 -3.00
N ILE A 138 11.08 12.85 -2.56
CA ILE A 138 10.25 14.05 -2.40
C ILE A 138 10.80 15.12 -3.37
N LEU A 139 10.30 15.05 -4.60
CA LEU A 139 10.78 15.82 -5.74
C LEU A 139 9.68 16.47 -6.57
N GLY A 140 8.42 16.17 -6.28
CA GLY A 140 7.31 16.43 -7.17
C GLY A 140 6.79 15.15 -7.83
N MET A 141 5.49 15.08 -8.01
CA MET A 141 4.86 13.87 -8.55
C MET A 141 5.44 13.46 -9.88
N ASP A 142 5.63 14.43 -10.78
CA ASP A 142 6.23 14.18 -12.12
C ASP A 142 7.73 14.28 -11.91
N ARG A 143 8.45 13.18 -12.08
CA ARG A 143 9.89 13.14 -11.79
C ARG A 143 10.77 13.43 -13.04
N ARG A 144 10.13 13.76 -14.17
CA ARG A 144 10.84 14.21 -15.37
C ARG A 144 11.66 15.44 -15.04
N GLY A 145 12.86 15.49 -15.59
CA GLY A 145 13.80 16.55 -15.23
C GLY A 145 14.65 16.21 -14.02
N GLN A 146 14.45 15.04 -13.41
CA GLN A 146 15.24 14.62 -12.26
C GLN A 146 16.12 13.41 -12.59
N ARG A 147 17.20 13.31 -11.84
CA ARG A 147 18.12 12.17 -11.92
C ARG A 147 18.39 11.78 -10.48
N PHE A 148 18.43 10.48 -10.18
CA PHE A 148 18.68 10.04 -8.81
C PHE A 148 19.17 8.58 -8.76
N PRO A 149 19.84 8.20 -7.67
CA PRO A 149 20.31 6.83 -7.57
C PRO A 149 19.21 5.79 -7.29
N LEU A 150 19.51 4.56 -7.70
CA LEU A 150 18.79 3.36 -7.29
C LEU A 150 19.64 2.65 -6.26
N TYR A 151 19.58 3.15 -5.04
CA TYR A 151 20.31 2.57 -3.90
C TYR A 151 19.54 2.89 -2.61
N ASN A 152 18.79 1.89 -2.13
CA ASN A 152 18.03 2.02 -0.89
C ASN A 152 18.92 2.52 0.22
N ARG A 153 18.48 3.58 0.90
CA ARG A 153 19.30 4.22 1.87
C ARG A 153 18.48 5.06 2.86
N ALA A 154 18.86 5.06 4.13
CA ALA A 154 18.18 5.90 5.14
C ALA A 154 18.25 7.39 4.81
N HIS A 155 17.21 8.12 5.22
CA HIS A 155 17.23 9.58 5.18
C HIS A 155 16.58 10.07 6.46
N TYR A 156 17.35 9.96 7.54
CA TYR A 156 16.89 10.31 8.84
C TYR A 156 16.46 11.76 8.91
N GLY A 157 15.23 12.02 9.38
CA GLY A 157 14.84 13.38 9.69
C GLY A 157 14.50 14.20 8.48
N TYR A 158 14.17 13.54 7.37
CA TYR A 158 13.69 14.22 6.21
C TYR A 158 12.44 15.05 6.48
N SER A 159 12.22 16.02 5.58
N SER A 159 12.22 16.05 5.61
CA SER A 159 11.13 16.96 5.69
CA SER A 159 11.03 16.88 5.64
C SER A 159 10.44 17.13 4.33
C SER A 159 10.46 17.06 4.25
N ASP A 160 10.89 18.11 3.55
CA ASP A 160 10.23 18.51 2.31
C ASP A 160 11.04 18.20 1.08
N HIS A 161 12.15 17.49 1.22
CA HIS A 161 12.96 17.14 0.04
C HIS A 161 13.77 15.87 0.21
N SER A 162 13.82 15.04 -0.83
CA SER A 162 14.73 13.92 -0.85
C SER A 162 14.83 13.31 -2.23
N GLY A 163 16.07 13.16 -2.72
CA GLY A 163 16.34 12.35 -3.89
C GLY A 163 16.68 10.89 -3.65
N GLN A 164 16.76 10.48 -2.39
CA GLN A 164 17.20 9.13 -2.08
C GLN A 164 16.76 8.78 -0.68
N MET A 165 15.93 7.74 -0.58
CA MET A 165 15.52 7.30 0.76
C MET A 165 15.33 5.80 0.81
N TYR A 166 14.54 5.34 1.74
CA TYR A 166 14.55 3.95 2.25
C TYR A 166 14.18 2.95 1.17
N PHE A 167 13.22 3.30 0.33
CA PHE A 167 12.61 2.35 -0.54
C PHE A 167 12.43 3.00 -1.91
N GLY A 168 13.48 2.88 -2.73
CA GLY A 168 13.35 3.20 -4.10
C GLY A 168 12.74 2.03 -4.85
N LEU A 169 12.15 2.32 -5.97
CA LEU A 169 11.75 1.35 -6.95
C LEU A 169 12.39 1.70 -8.30
N PRO A 170 13.00 0.70 -8.95
CA PRO A 170 13.51 0.91 -10.29
C PRO A 170 12.42 0.84 -11.30
N ALA A 171 11.41 1.70 -11.17
CA ALA A 171 10.28 1.69 -12.08
C ALA A 171 9.67 3.06 -12.25
N ILE A 172 9.01 3.24 -13.38
CA ILE A 172 8.25 4.46 -13.66
C ILE A 172 6.87 4.17 -14.26
N MET A 173 5.98 5.15 -14.10
CA MET A 173 4.67 5.13 -14.72
C MET A 173 4.57 6.40 -15.55
N SER A 174 4.18 6.27 -16.81
CA SER A 174 4.08 7.41 -17.69
C SER A 174 2.63 7.83 -17.99
N SER A 175 2.45 9.10 -18.35
CA SER A 175 1.16 9.64 -18.81
C SER A 175 0.68 9.00 -20.08
N LYS A 176 1.55 8.26 -20.76
CA LYS A 176 1.14 7.42 -21.85
C LYS A 176 0.59 6.10 -21.42
N GLN A 177 0.49 5.88 -20.11
CA GLN A 177 -0.15 4.68 -19.55
C GLN A 177 0.61 3.39 -19.88
N TYR A 178 1.92 3.43 -19.62
CA TYR A 178 2.74 2.25 -19.45
C TYR A 178 3.50 2.34 -18.13
N ILE A 179 3.94 1.18 -17.64
CA ILE A 179 4.88 1.08 -16.56
C ILE A 179 6.14 0.41 -17.15
N LEU A 180 7.29 0.93 -16.73
CA LEU A 180 8.59 0.39 -17.15
C LEU A 180 9.36 -0.02 -15.91
N VAL A 181 9.78 -1.29 -15.87
CA VAL A 181 10.58 -1.78 -14.76
C VAL A 181 12.00 -2.14 -15.22
N PHE A 182 12.99 -1.60 -14.52
CA PHE A 182 14.38 -2.00 -14.65
C PHE A 182 14.56 -3.17 -13.67
N ASP A 183 14.53 -4.40 -14.18
CA ASP A 183 14.49 -5.60 -13.34
C ASP A 183 15.89 -5.97 -12.82
N ASN A 184 16.43 -5.10 -11.98
CA ASN A 184 17.83 -5.14 -11.63
C ASN A 184 17.93 -4.70 -10.20
N SER A 185 18.67 -5.49 -9.43
CA SER A 185 18.82 -5.34 -8.01
C SER A 185 20.01 -4.53 -7.55
N ALA A 186 20.83 -4.00 -8.47
CA ALA A 186 22.14 -3.45 -8.07
C ALA A 186 22.15 -1.94 -7.88
N SER A 187 23.18 -1.48 -7.19
CA SER A 187 23.46 -0.06 -7.09
C SER A 187 23.43 0.55 -8.52
N GLY A 188 22.57 1.53 -8.72
CA GLY A 188 22.29 2.09 -10.03
C GLY A 188 21.82 3.52 -10.01
N ALA A 189 21.19 3.95 -11.08
CA ALA A 189 20.71 5.33 -11.15
C ALA A 189 19.62 5.43 -12.21
N MET A 190 18.77 6.42 -12.07
CA MET A 190 17.75 6.74 -13.08
C MET A 190 17.90 8.22 -13.41
N ASP A 191 17.78 8.56 -14.69
CA ASP A 191 17.98 9.91 -15.21
C ASP A 191 16.81 10.14 -16.14
N ILE A 192 15.81 10.87 -15.67
CA ILE A 192 14.53 10.97 -16.36
C ILE A 192 14.51 12.29 -17.17
N GLY A 193 15.25 12.31 -18.27
CA GLY A 193 15.38 13.50 -19.11
C GLY A 193 16.02 14.69 -18.41
N LYS A 194 16.97 14.45 -17.52
CA LYS A 194 17.71 15.51 -16.82
C LYS A 194 18.94 15.91 -17.66
N THR A 195 19.87 14.97 -17.77
CA THR A 195 21.13 15.19 -18.48
C THR A 195 20.81 15.54 -19.92
N GLU A 196 19.98 14.72 -20.59
CA GLU A 196 19.52 15.03 -21.93
C GLU A 196 17.99 15.07 -21.92
N SER A 197 17.43 16.15 -22.47
CA SER A 197 16.02 16.49 -22.21
C SER A 197 15.02 15.43 -22.73
N ASP A 198 15.38 14.74 -23.80
CA ASP A 198 14.52 13.77 -24.40
C ASP A 198 15.00 12.32 -24.17
N ILE A 199 15.85 12.12 -23.16
CA ILE A 199 16.36 10.77 -22.87
C ILE A 199 16.07 10.30 -21.43
N LEU A 200 15.46 9.12 -21.36
CA LEU A 200 15.37 8.36 -20.15
C LEU A 200 16.53 7.39 -20.14
N GLN A 201 17.39 7.52 -19.13
CA GLN A 201 18.49 6.58 -18.96
C GLN A 201 18.39 5.82 -17.63
N LEU A 202 18.52 4.50 -17.71
CA LEU A 202 18.63 3.57 -16.59
C LEU A 202 20.04 2.95 -16.52
N GLU A 203 20.68 2.93 -15.35
CA GLU A 203 22.05 2.43 -15.19
C GLU A 203 22.20 1.56 -13.94
N ALA A 204 23.15 0.63 -13.98
CA ALA A 204 23.57 -0.14 -12.81
C ALA A 204 25.05 -0.57 -12.90
N LYS A 205 25.71 -0.73 -11.75
CA LYS A 205 27.09 -1.26 -11.71
C LYS A 205 27.21 -2.70 -12.19
N SER A 206 26.14 -3.47 -12.08
CA SER A 206 26.15 -4.89 -12.30
C SER A 206 24.70 -5.40 -12.23
N GLY A 207 24.52 -6.71 -12.19
CA GLY A 207 23.23 -7.29 -11.99
C GLY A 207 22.61 -7.60 -13.33
N ARG A 208 21.30 -7.88 -13.33
CA ARG A 208 20.55 -8.35 -14.50
C ARG A 208 20.28 -7.22 -15.48
N SER A 209 20.49 -7.49 -16.77
CA SER A 209 20.30 -6.52 -17.85
C SER A 209 18.97 -6.82 -18.54
N ALA A 210 17.88 -6.42 -17.87
CA ALA A 210 16.51 -6.73 -18.33
C ALA A 210 15.61 -5.58 -17.96
N TYR A 211 14.62 -5.35 -18.81
CA TYR A 211 13.55 -4.49 -18.45
C TYR A 211 12.20 -5.13 -18.78
N ILE A 212 11.15 -4.58 -18.16
CA ILE A 212 9.78 -5.08 -18.32
C ILE A 212 8.91 -3.87 -18.62
N LEU A 213 8.17 -3.94 -19.72
CA LEU A 213 7.22 -2.91 -20.10
C LEU A 213 5.80 -3.49 -19.88
N VAL A 214 4.95 -2.76 -19.16
CA VAL A 214 3.53 -3.13 -18.99
C VAL A 214 2.65 -2.00 -19.50
N ALA A 215 1.63 -2.33 -20.29
CA ALA A 215 0.70 -1.34 -20.85
C ALA A 215 -0.71 -1.51 -20.28
N GLY A 216 -1.49 -0.45 -20.42
CA GLY A 216 -2.91 -0.42 -20.01
C GLY A 216 -3.68 0.61 -20.79
N ASN A 217 -5.01 0.40 -20.86
CA ASN A 217 -5.96 1.32 -21.49
C ASN A 217 -6.47 2.40 -20.53
N SER A 218 -6.18 2.27 -19.24
CA SER A 218 -6.52 3.26 -18.21
C SER A 218 -5.53 3.03 -17.07
N TYR A 219 -5.47 3.95 -16.11
CA TYR A 219 -4.55 3.75 -15.01
C TYR A 219 -4.91 2.53 -14.17
N PRO A 220 -6.24 2.32 -13.91
CA PRO A 220 -6.61 1.13 -13.11
C PRO A 220 -6.18 -0.18 -13.75
N SER A 221 -6.38 -0.28 -15.05
CA SER A 221 -6.08 -1.51 -15.75
C SER A 221 -4.54 -1.64 -16.00
N LEU A 222 -3.82 -0.52 -16.05
CA LEU A 222 -2.33 -0.60 -16.10
C LEU A 222 -1.85 -1.27 -14.83
N ILE A 223 -2.40 -0.81 -13.73
CA ILE A 223 -2.06 -1.30 -12.41
C ILE A 223 -2.50 -2.75 -12.17
N GLU A 224 -3.65 -3.11 -12.71
CA GLU A 224 -4.12 -4.50 -12.71
C GLU A 224 -3.13 -5.40 -13.49
N ASN A 225 -2.69 -4.92 -14.64
CA ASN A 225 -1.71 -5.64 -15.51
C ASN A 225 -0.34 -5.75 -14.85
N PHE A 226 0.06 -4.68 -14.17
CA PHE A 226 1.32 -4.64 -13.46
C PHE A 226 1.33 -5.62 -12.32
N THR A 227 0.31 -5.58 -11.45
CA THR A 227 0.26 -6.50 -10.34
C THR A 227 0.00 -7.92 -10.80
N GLN A 228 -0.61 -8.09 -11.95
CA GLN A 228 -0.77 -9.44 -12.49
C GLN A 228 0.59 -10.13 -12.64
N VAL A 229 1.57 -9.41 -13.23
CA VAL A 229 2.88 -10.01 -13.52
C VAL A 229 3.92 -9.84 -12.42
N THR A 230 3.77 -8.82 -11.55
CA THR A 230 4.70 -8.60 -10.44
C THR A 230 4.27 -9.18 -9.12
N GLY A 231 2.95 -9.43 -8.93
CA GLY A 231 2.42 -10.01 -7.70
C GLY A 231 1.27 -9.16 -7.12
N ARG A 232 0.26 -9.85 -6.60
CA ARG A 232 -0.88 -9.22 -5.91
C ARG A 232 -0.66 -9.35 -4.43
N GLN A 233 -0.93 -8.28 -3.69
CA GLN A 233 -0.84 -8.36 -2.25
C GLN A 233 -1.96 -9.26 -1.74
N PRO A 234 -1.59 -10.26 -0.91
CA PRO A 234 -2.64 -11.04 -0.29
C PRO A 234 -3.27 -10.24 0.84
N LEU A 235 -4.55 -10.51 1.06
CA LEU A 235 -5.34 -9.76 2.04
C LEU A 235 -4.66 -9.82 3.38
N PRO A 236 -4.26 -8.65 3.93
CA PRO A 236 -3.76 -8.68 5.24
C PRO A 236 -4.90 -9.06 6.22
N PRO A 237 -4.51 -9.45 7.41
CA PRO A 237 -5.47 -9.72 8.46
C PRO A 237 -6.19 -8.41 8.79
N ARG A 238 -7.50 -8.50 9.03
CA ARG A 238 -8.30 -7.28 9.27
C ARG A 238 -7.71 -6.43 10.39
N TRP A 239 -7.09 -7.07 11.36
CA TRP A 239 -6.47 -6.34 12.44
C TRP A 239 -5.38 -5.33 12.03
N ALA A 240 -4.75 -5.53 10.87
CA ALA A 240 -3.79 -4.53 10.35
C ALA A 240 -4.44 -3.19 9.97
N LEU A 241 -5.76 -3.20 9.82
CA LEU A 241 -6.55 -1.99 9.62
C LEU A 241 -6.98 -1.26 10.89
N GLY A 242 -6.56 -1.78 12.03
CA GLY A 242 -6.81 -1.21 13.31
C GLY A 242 -5.79 -0.24 13.89
N SER A 243 -6.01 0.07 15.17
CA SER A 243 -5.17 0.96 15.98
C SER A 243 -3.97 0.29 16.60
N PHE A 244 -2.79 0.85 16.30
CA PHE A 244 -1.53 0.39 16.87
C PHE A 244 -1.04 1.33 17.95
N ALA A 245 -0.58 0.76 19.05
CA ALA A 245 0.22 1.45 20.02
C ALA A 245 1.72 1.19 19.71
N SER A 246 2.46 2.27 19.49
CA SER A 246 3.89 2.14 19.12
C SER A 246 4.62 3.37 19.53
N ARG A 247 5.82 3.17 20.07
CA ARG A 247 6.81 4.18 20.28
C ARG A 247 8.19 3.52 20.00
N PHE A 248 9.21 4.37 19.99
CA PHE A 248 10.61 3.92 20.10
C PHE A 248 11.12 4.43 21.42
N GLY A 249 11.03 3.65 22.50
CA GLY A 249 10.33 2.33 22.59
C GLY A 249 9.90 1.96 23.99
N TYR A 250 8.96 1.00 24.14
CA TYR A 250 8.58 0.53 25.48
C TYR A 250 9.81 -0.09 26.14
N ARG A 251 10.21 0.41 27.30
CA ARG A 251 11.41 -0.06 27.99
C ARG A 251 11.25 -1.36 28.83
N SER A 252 10.02 -1.80 29.02
CA SER A 252 9.75 -2.87 29.98
C SER A 252 8.39 -3.46 29.73
N GLU A 253 8.20 -4.64 30.28
CA GLU A 253 6.91 -5.32 30.27
C GLU A 253 5.86 -4.47 31.02
N ALA A 254 6.25 -3.94 32.16
CA ALA A 254 5.41 -3.04 32.98
C ALA A 254 4.93 -1.86 32.18
N GLU A 255 5.85 -1.25 31.43
CA GLU A 255 5.53 -0.10 30.59
C GLU A 255 4.61 -0.48 29.45
N THR A 256 4.82 -1.64 28.84
CA THR A 256 4.02 -2.11 27.75
C THR A 256 2.58 -2.45 28.23
N ARG A 257 2.48 -3.20 29.32
CA ARG A 257 1.18 -3.49 29.95
C ARG A 257 0.47 -2.17 30.37
N ALA A 258 1.20 -1.21 30.97
CA ALA A 258 0.63 0.11 31.29
C ALA A 258 0.06 0.85 30.10
N THR A 259 0.68 0.69 28.91
CA THR A 259 0.19 1.31 27.68
C THR A 259 -1.08 0.63 27.13
N VAL A 260 -1.13 -0.71 27.20
CA VAL A 260 -2.36 -1.42 26.74
C VAL A 260 -3.52 -0.97 27.68
N GLN A 261 -3.20 -0.88 28.95
CA GLN A 261 -4.10 -0.42 29.98
C GLN A 261 -4.56 1.03 29.69
N LYS A 262 -3.64 1.89 29.30
CA LYS A 262 -4.01 3.30 29.02
C LYS A 262 -5.01 3.39 27.90
N TYR A 263 -4.91 2.52 26.90
CA TYR A 263 -5.91 2.51 25.85
C TYR A 263 -7.30 2.14 26.40
N LYS A 264 -7.32 1.19 27.34
CA LYS A 264 -8.56 0.75 27.98
C LYS A 264 -9.18 1.79 28.85
N THR A 265 -8.38 2.35 29.76
CA THR A 265 -8.88 3.37 30.67
C THR A 265 -9.22 4.68 29.90
N GLU A 266 -8.60 4.95 28.75
CA GLU A 266 -8.93 6.16 27.96
C GLU A 266 -9.94 5.94 26.86
N ASP A 267 -10.44 4.72 26.72
CA ASP A 267 -11.45 4.44 25.71
C ASP A 267 -11.01 4.85 24.30
N PHE A 268 -9.77 4.46 23.95
CA PHE A 268 -9.35 4.38 22.55
C PHE A 268 -9.21 2.96 22.07
N PRO A 269 -9.72 2.67 20.89
CA PRO A 269 -9.54 1.37 20.25
C PRO A 269 -8.05 0.99 20.12
N LEU A 270 -7.76 -0.31 20.26
CA LEU A 270 -6.38 -0.82 20.17
C LEU A 270 -6.42 -2.26 19.73
N ASP A 271 -5.72 -2.54 18.62
CA ASP A 271 -5.59 -3.90 18.11
C ASP A 271 -4.22 -4.53 18.40
N THR A 272 -3.15 -3.70 18.34
CA THR A 272 -1.79 -4.23 18.28
C THR A 272 -0.85 -3.29 18.99
N ILE A 273 -0.02 -3.86 19.87
CA ILE A 273 1.06 -3.13 20.48
C ILE A 273 2.40 -3.60 19.83
N VAL A 274 3.26 -2.62 19.54
CA VAL A 274 4.51 -2.85 18.76
C VAL A 274 5.68 -2.61 19.69
N LEU A 275 6.61 -3.58 19.77
CA LEU A 275 7.73 -3.47 20.68
C LEU A 275 9.02 -3.23 19.83
N ASP A 276 9.71 -2.16 20.20
CA ASP A 276 10.96 -1.75 19.51
C ASP A 276 12.13 -2.42 20.26
N LEU A 277 13.35 -2.00 19.94
CA LEU A 277 14.54 -2.81 20.22
C LEU A 277 14.86 -3.05 21.70
N TYR A 278 14.17 -2.37 22.63
CA TYR A 278 14.41 -2.63 24.03
C TYR A 278 13.86 -4.01 24.52
N TRP A 279 13.07 -4.69 23.70
CA TRP A 279 12.57 -6.02 24.04
C TRP A 279 13.67 -7.05 24.12
N PHE A 280 14.78 -6.78 23.41
CA PHE A 280 15.97 -7.65 23.51
C PHE A 280 17.21 -7.08 24.19
N GLY A 281 17.16 -5.86 24.73
CA GLY A 281 18.22 -5.34 25.54
C GLY A 281 18.01 -3.94 26.06
N LYS A 282 18.69 -3.59 27.12
CA LYS A 282 18.39 -2.33 27.80
C LYS A 282 18.95 -1.08 27.15
N ASP A 283 19.86 -1.24 26.19
CA ASP A 283 20.44 -0.11 25.45
C ASP A 283 20.10 -0.21 23.98
N ILE A 284 20.23 0.91 23.30
CA ILE A 284 20.01 1.01 21.87
C ILE A 284 21.15 0.25 21.17
N LYS A 285 22.36 0.39 21.72
CA LYS A 285 23.54 -0.21 21.10
C LYS A 285 23.95 -1.48 21.77
N GLY A 286 24.38 -2.43 20.97
CA GLY A 286 25.22 -3.49 21.50
C GLY A 286 24.52 -4.82 21.71
N HIS A 287 23.18 -4.82 21.60
CA HIS A 287 22.38 -6.04 21.88
C HIS A 287 21.76 -6.65 20.66
N MET A 288 21.72 -5.90 19.56
CA MET A 288 21.06 -6.31 18.36
C MET A 288 21.62 -7.63 17.83
N GLY A 289 20.70 -8.55 17.57
CA GLY A 289 21.03 -9.92 17.22
C GLY A 289 20.76 -10.90 18.36
N ASN A 290 20.59 -10.39 19.58
CA ASN A 290 20.08 -11.22 20.66
C ASN A 290 18.81 -11.99 20.25
N LEU A 291 17.91 -11.34 19.52
CA LEU A 291 16.66 -11.95 19.10
C LEU A 291 16.05 -12.87 20.20
N ASP A 292 15.94 -12.31 21.39
CA ASP A 292 15.40 -12.98 22.52
C ASP A 292 15.15 -11.94 23.56
N TRP A 293 14.30 -12.28 24.51
CA TRP A 293 13.81 -11.35 25.53
C TRP A 293 14.85 -10.92 26.51
N ASP A 294 14.90 -9.62 26.77
CA ASP A 294 15.68 -9.08 27.89
C ASP A 294 14.89 -9.31 29.16
N LYS A 295 15.27 -10.36 29.92
CA LYS A 295 14.45 -10.80 31.03
C LYS A 295 14.51 -9.90 32.26
N GLU A 296 15.53 -9.07 32.42
CA GLU A 296 15.54 -8.10 33.53
C GLU A 296 14.40 -7.10 33.39
N ASN A 297 13.97 -6.82 32.18
CA ASN A 297 12.94 -5.82 31.88
C ASN A 297 11.65 -6.39 31.29
N PHE A 298 11.71 -7.59 30.68
CA PHE A 298 10.54 -8.34 30.20
C PHE A 298 10.57 -9.75 30.89
N PRO A 299 10.32 -9.81 32.22
CA PRO A 299 10.43 -11.04 33.03
C PRO A 299 9.47 -12.18 32.70
N THR A 300 8.29 -11.87 32.14
CA THR A 300 7.24 -12.87 31.90
C THR A 300 6.50 -12.61 30.60
N PRO A 301 7.22 -12.77 29.46
CA PRO A 301 6.69 -12.34 28.21
C PRO A 301 5.63 -13.22 27.63
N LEU A 302 5.67 -14.52 27.88
CA LEU A 302 4.60 -15.39 27.35
C LEU A 302 3.27 -15.00 28.01
N ASP A 303 3.33 -14.70 29.29
CA ASP A 303 2.15 -14.27 30.03
C ASP A 303 1.68 -12.91 29.55
N MET A 304 2.63 -12.02 29.24
CA MET A 304 2.30 -10.71 28.72
C MET A 304 1.52 -10.79 27.45
N MET A 305 2.01 -11.59 26.50
CA MET A 305 1.35 -11.73 25.26
C MET A 305 0.01 -12.44 25.38
N ALA A 306 -0.05 -13.47 26.21
CA ALA A 306 -1.32 -14.19 26.46
C ALA A 306 -2.34 -13.23 27.13
N ASP A 307 -1.87 -12.43 28.08
CA ASP A 307 -2.73 -11.45 28.80
C ASP A 307 -3.27 -10.41 27.84
N PHE A 308 -2.42 -9.95 26.91
CA PHE A 308 -2.87 -9.10 25.83
C PHE A 308 -3.82 -9.79 24.86
N LYS A 309 -3.56 -11.03 24.49
CA LYS A 309 -4.44 -11.68 23.56
C LYS A 309 -5.88 -11.82 24.18
N GLN A 310 -5.97 -12.08 25.47
CA GLN A 310 -7.27 -12.05 26.23
C GLN A 310 -8.03 -10.74 26.08
N GLN A 311 -7.31 -9.62 25.94
CA GLN A 311 -7.94 -8.33 25.62
C GLN A 311 -8.03 -8.06 24.12
N GLY A 312 -7.76 -9.06 23.28
CA GLY A 312 -7.93 -8.87 21.86
C GLY A 312 -6.77 -8.02 21.25
N VAL A 313 -5.64 -7.95 21.94
CA VAL A 313 -4.49 -7.14 21.52
C VAL A 313 -3.32 -8.06 21.04
N LYS A 314 -2.78 -7.78 19.85
CA LYS A 314 -1.64 -8.55 19.27
C LYS A 314 -0.32 -7.90 19.65
N THR A 315 0.73 -8.71 19.70
CA THR A 315 2.11 -8.23 19.92
C THR A 315 2.95 -8.37 18.64
N VAL A 316 3.58 -7.26 18.24
CA VAL A 316 4.52 -7.22 17.09
C VAL A 316 5.90 -6.84 17.63
N LEU A 317 6.91 -7.59 17.16
CA LEU A 317 8.29 -7.37 17.59
C LEU A 317 9.17 -6.89 16.40
N ILE A 318 10.08 -5.99 16.71
CA ILE A 318 11.09 -5.52 15.78
C ILE A 318 12.19 -6.59 15.67
N THR A 319 12.61 -6.81 14.45
CA THR A 319 13.81 -7.54 14.18
C THR A 319 14.61 -6.76 13.12
N GLU A 320 15.91 -7.08 13.05
CA GLU A 320 16.84 -6.41 12.13
C GLU A 320 17.79 -7.43 11.44
N PRO A 321 18.44 -7.01 10.34
CA PRO A 321 19.31 -7.97 9.66
C PRO A 321 20.66 -8.23 10.31
N PHE A 322 21.05 -7.41 11.26
CA PHE A 322 22.39 -7.41 11.80
C PHE A 322 22.51 -8.19 13.07
N VAL A 323 23.52 -9.04 13.15
CA VAL A 323 23.96 -9.63 14.40
C VAL A 323 25.28 -9.03 14.84
N LEU A 324 25.27 -8.33 15.96
CA LEU A 324 26.45 -7.70 16.50
C LEU A 324 27.37 -8.72 17.17
N THR A 325 28.66 -8.38 17.20
CA THR A 325 29.67 -9.25 17.82
C THR A 325 29.57 -9.24 19.32
N SER A 326 28.91 -8.20 19.85
CA SER A 326 28.59 -8.07 21.27
C SER A 326 27.32 -8.84 21.71
N SER A 327 26.57 -9.36 20.76
CA SER A 327 25.30 -10.01 21.00
C SER A 327 25.52 -11.46 21.41
N LYS A 328 24.50 -12.04 22.04
CA LYS A 328 24.54 -13.44 22.49
C LYS A 328 24.52 -14.42 21.33
N ARG A 329 24.08 -14.00 20.14
CA ARG A 329 24.00 -14.91 18.99
C ARG A 329 25.18 -14.88 17.96
N TRP A 330 26.19 -14.07 18.24
CA TRP A 330 27.35 -13.93 17.33
C TRP A 330 28.01 -15.29 17.06
N ASP A 331 28.55 -15.90 18.11
CA ASP A 331 29.30 -17.16 17.97
C ASP A 331 28.47 -18.20 17.25
N ASP A 332 27.17 -18.26 17.54
CA ASP A 332 26.26 -19.22 16.92
C ASP A 332 25.93 -18.94 15.48
N ALA A 333 25.73 -17.68 15.14
CA ALA A 333 25.50 -17.33 13.74
C ALA A 333 26.78 -17.64 12.88
N VAL A 334 27.93 -17.31 13.42
CA VAL A 334 29.20 -17.66 12.76
C VAL A 334 29.29 -19.17 12.61
N LYS A 335 29.04 -19.91 13.70
CA LYS A 335 29.12 -21.36 13.64
C LYS A 335 28.17 -21.94 12.58
N ALA A 336 26.97 -21.39 12.43
CA ALA A 336 26.01 -21.89 11.44
C ALA A 336 26.20 -21.34 10.05
N LYS A 337 27.16 -20.43 9.86
CA LYS A 337 27.47 -19.84 8.55
C LYS A 337 26.27 -19.07 8.07
N ALA A 338 25.64 -18.35 9.00
CA ALA A 338 24.41 -17.62 8.69
C ALA A 338 24.71 -16.22 8.17
N LEU A 339 25.88 -15.69 8.51
CA LEU A 339 26.27 -14.34 8.10
C LEU A 339 26.98 -14.24 6.71
N ALA A 340 26.74 -13.12 6.05
CA ALA A 340 27.53 -12.76 4.88
C ALA A 340 29.02 -12.69 5.20
N LYS A 341 29.80 -13.06 4.18
CA LYS A 341 31.25 -13.26 4.29
C LYS A 341 32.02 -12.13 3.59
N ASP A 342 33.26 -11.87 4.00
CA ASP A 342 34.21 -11.09 3.16
C ASP A 342 34.77 -11.97 2.02
N PRO A 343 35.58 -11.39 1.10
CA PRO A 343 36.07 -12.20 0.01
C PRO A 343 37.08 -13.26 0.48
N GLN A 344 37.78 -12.97 1.58
CA GLN A 344 38.64 -13.94 2.27
C GLN A 344 37.89 -15.20 2.78
N GLY A 345 36.56 -15.13 3.05
CA GLY A 345 35.72 -16.29 3.53
C GLY A 345 35.22 -16.30 4.99
N GLN A 346 35.76 -15.37 5.79
CA GLN A 346 35.38 -15.08 7.15
C GLN A 346 34.03 -14.32 7.16
N PRO A 347 33.31 -14.34 8.31
CA PRO A 347 32.18 -13.44 8.52
C PRO A 347 32.59 -12.00 8.41
N LYS A 348 31.84 -11.26 7.62
CA LYS A 348 32.07 -9.86 7.44
C LYS A 348 31.42 -9.13 8.63
N ALA A 349 32.25 -8.35 9.33
CA ALA A 349 31.82 -7.49 10.40
C ALA A 349 32.15 -6.05 10.03
N PHE A 350 31.29 -5.11 10.43
CA PHE A 350 31.48 -3.70 10.11
C PHE A 350 30.73 -2.82 11.12
N GLU A 351 31.04 -1.53 11.16
CA GLU A 351 30.39 -0.61 12.09
C GLU A 351 29.01 -0.19 11.56
N LEU A 352 28.06 -0.26 12.47
CA LEU A 352 26.72 0.29 12.32
C LEU A 352 26.55 1.27 13.44
N TYR A 353 25.49 2.06 13.39
CA TYR A 353 25.10 2.92 14.53
C TYR A 353 24.97 2.10 15.81
N PHE A 354 24.43 0.89 15.65
CA PHE A 354 24.12 0.00 16.78
C PHE A 354 25.33 -0.69 17.34
N GLY A 355 26.38 -0.81 16.54
CA GLY A 355 27.70 -1.29 17.02
C GLY A 355 28.40 -2.02 15.90
N ASN A 356 29.29 -2.94 16.25
CA ASN A 356 30.08 -3.72 15.28
C ASN A 356 29.42 -5.09 15.03
N GLY A 357 29.09 -5.39 13.78
CA GLY A 357 28.46 -6.66 13.51
C GLY A 357 28.36 -7.03 12.06
N GLY A 358 27.72 -8.18 11.85
CA GLY A 358 27.51 -8.76 10.55
C GLY A 358 26.07 -8.67 10.08
N ILE A 359 25.82 -9.24 8.92
CA ILE A 359 24.50 -9.19 8.33
C ILE A 359 24.13 -10.58 7.94
N ILE A 360 22.90 -10.93 8.26
CA ILE A 360 22.39 -12.27 8.05
C ILE A 360 22.20 -12.43 6.59
N ASP A 361 22.70 -13.54 6.05
CA ASP A 361 22.59 -13.73 4.61
C ASP A 361 21.32 -14.44 4.27
N VAL A 362 20.29 -13.66 3.98
CA VAL A 362 18.97 -14.22 3.60
C VAL A 362 18.97 -14.83 2.19
N PHE A 363 19.99 -14.52 1.40
CA PHE A 363 20.16 -15.18 0.10
C PHE A 363 20.75 -16.59 0.25
N SER A 364 21.29 -17.01 1.38
CA SER A 364 21.82 -18.39 1.50
C SER A 364 20.82 -19.35 2.14
N LYS A 365 20.98 -20.64 1.92
CA LYS A 365 20.17 -21.61 2.66
C LYS A 365 20.48 -21.56 4.15
N GLU A 366 21.76 -21.37 4.53
CA GLU A 366 22.17 -21.43 5.93
C GLU A 366 21.63 -20.23 6.74
N GLY A 367 21.80 -19.04 6.21
CA GLY A 367 21.23 -17.84 6.80
C GLY A 367 19.70 -17.93 6.86
N SER A 368 19.06 -18.43 5.82
CA SER A 368 17.60 -18.51 5.76
C SER A 368 17.04 -19.47 6.81
N ARG A 369 17.68 -20.63 6.97
CA ARG A 369 17.26 -21.60 7.97
C ARG A 369 17.49 -21.09 9.40
N TRP A 370 18.66 -20.49 9.65
CA TRP A 370 18.98 -20.05 10.98
C TRP A 370 18.02 -18.94 11.42
N PHE A 371 17.73 -18.01 10.51
CA PHE A 371 16.92 -16.83 10.83
C PHE A 371 15.48 -17.30 11.04
N SER A 372 14.98 -18.08 10.08
CA SER A 372 13.65 -18.67 10.09
C SER A 372 13.33 -19.45 11.37
N SER A 373 14.30 -20.25 11.85
N SER A 373 14.28 -20.24 11.87
CA SER A 373 14.16 -20.98 13.11
CA SER A 373 14.09 -20.99 13.12
C SER A 373 13.91 -20.05 14.31
C SER A 373 13.90 -20.05 14.33
N ILE A 374 14.53 -18.88 14.27
CA ILE A 374 14.34 -17.86 15.31
C ILE A 374 12.92 -17.28 15.20
N TYR A 375 12.48 -16.87 14.02
CA TYR A 375 11.09 -16.38 13.85
C TYR A 375 10.04 -17.44 14.27
N LYS A 376 10.33 -18.70 13.99
CA LYS A 376 9.45 -19.78 14.37
C LYS A 376 9.25 -19.88 15.86
N ASP A 377 10.35 -19.85 16.60
CA ASP A 377 10.34 -20.02 18.01
C ASP A 377 9.60 -18.86 18.71
N LEU A 378 9.84 -17.64 18.27
CA LEU A 378 9.18 -16.47 18.87
C LEU A 378 7.70 -16.47 18.53
N SER A 379 7.35 -16.90 17.34
CA SER A 379 5.98 -16.94 16.90
C SER A 379 5.18 -17.97 17.72
N LYS A 380 5.84 -19.09 18.05
CA LYS A 380 5.30 -20.12 18.98
C LYS A 380 5.03 -19.53 20.34
N GLN A 381 5.88 -18.63 20.80
CA GLN A 381 5.71 -18.02 22.10
C GLN A 381 4.50 -17.09 22.26
N GLY A 382 3.94 -16.60 21.16
CA GLY A 382 2.87 -15.60 21.20
C GLY A 382 2.89 -14.48 20.17
N VAL A 383 4.01 -14.27 19.47
CA VAL A 383 4.13 -13.11 18.57
C VAL A 383 3.21 -13.26 17.36
N ALA A 384 2.37 -12.26 17.11
CA ALA A 384 1.37 -12.32 16.05
C ALA A 384 1.81 -11.76 14.76
N GLY A 385 2.84 -10.93 14.81
CA GLY A 385 3.27 -10.17 13.66
C GLY A 385 4.67 -9.69 13.83
N TRP A 386 5.22 -9.14 12.73
CA TRP A 386 6.65 -8.92 12.61
C TRP A 386 6.98 -7.57 11.94
N TRP A 387 7.92 -6.87 12.57
CA TRP A 387 8.43 -5.61 12.07
C TRP A 387 9.88 -5.89 11.64
N GLY A 388 10.19 -5.70 10.38
CA GLY A 388 11.60 -5.91 9.86
C GLY A 388 12.24 -4.58 9.54
N ASP A 389 13.08 -4.07 10.41
CA ASP A 389 13.61 -2.71 10.26
C ASP A 389 15.01 -2.82 9.59
N LEU A 390 15.45 -1.74 8.92
CA LEU A 390 16.86 -1.60 8.43
C LEU A 390 17.25 -2.49 7.27
N GLY A 391 16.25 -2.91 6.46
CA GLY A 391 16.50 -3.80 5.32
C GLY A 391 17.02 -3.16 4.01
N GLU A 392 17.50 -1.92 4.08
CA GLU A 392 18.01 -1.22 2.89
C GLU A 392 19.11 -2.05 2.16
N PRO A 393 19.99 -2.78 2.86
CA PRO A 393 20.33 -2.74 4.28
C PRO A 393 20.90 -1.43 4.68
N GLU A 394 20.66 -1.02 5.92
CA GLU A 394 21.01 0.36 6.31
C GLU A 394 22.52 0.65 6.13
N MET A 395 23.36 -0.29 6.49
CA MET A 395 24.79 -0.28 6.19
C MET A 395 25.05 -1.59 5.44
N HIS A 396 25.82 -1.51 4.36
CA HIS A 396 26.03 -2.65 3.48
C HIS A 396 27.34 -2.46 2.70
N PRO A 397 28.50 -2.65 3.39
CA PRO A 397 29.81 -2.42 2.71
C PRO A 397 29.97 -3.24 1.43
N GLU A 398 30.63 -2.62 0.43
CA GLU A 398 30.64 -3.19 -0.94
C GLU A 398 31.35 -4.54 -1.10
N ASP A 399 32.32 -4.84 -0.26
CA ASP A 399 32.97 -6.16 -0.33
C ASP A 399 32.24 -7.22 0.49
N THR A 400 31.05 -6.92 1.02
CA THR A 400 30.23 -7.95 1.65
C THR A 400 29.79 -8.92 0.57
N GLN A 401 29.91 -10.21 0.84
CA GLN A 401 29.54 -11.24 -0.12
C GLN A 401 28.36 -12.08 0.34
N HIS A 402 27.31 -12.11 -0.47
CA HIS A 402 26.16 -12.96 -0.25
C HIS A 402 26.29 -14.15 -1.15
N ALA A 403 25.56 -15.20 -0.83
CA ALA A 403 25.55 -16.45 -1.62
C ALA A 403 25.43 -16.24 -3.13
N ILE A 404 24.66 -15.24 -3.58
CA ILE A 404 24.43 -15.03 -5.02
C ILE A 404 25.12 -13.80 -5.60
N GLY A 405 25.92 -13.06 -4.85
CA GLY A 405 26.54 -11.86 -5.41
C GLY A 405 27.02 -10.94 -4.32
N ASP A 406 27.77 -9.90 -4.69
CA ASP A 406 28.29 -8.96 -3.71
C ASP A 406 27.18 -7.93 -3.29
N ALA A 407 27.43 -7.18 -2.25
CA ALA A 407 26.44 -6.23 -1.71
C ALA A 407 25.87 -5.27 -2.74
N ASP A 408 26.76 -4.67 -3.55
CA ASP A 408 26.34 -3.74 -4.58
C ASP A 408 25.53 -4.35 -5.68
N THR A 409 25.71 -5.64 -5.93
CA THR A 409 24.90 -6.32 -6.93
C THR A 409 23.45 -6.68 -6.42
N VAL A 410 23.35 -7.11 -5.16
CA VAL A 410 22.07 -7.56 -4.53
C VAL A 410 21.28 -6.53 -3.65
N HIS A 411 21.93 -5.39 -3.36
CA HIS A 411 21.48 -4.43 -2.36
C HIS A 411 19.96 -4.15 -2.32
N ASN A 412 19.40 -3.82 -3.47
CA ASN A 412 18.02 -3.37 -3.55
C ASN A 412 16.99 -4.48 -3.52
N ALA A 413 17.45 -5.73 -3.39
CA ALA A 413 16.60 -6.90 -3.33
C ALA A 413 16.72 -7.62 -2.03
N TYR A 414 17.57 -7.14 -1.11
CA TYR A 414 17.81 -7.78 0.18
C TYR A 414 16.49 -7.83 1.02
N GLY A 415 15.83 -6.69 1.18
CA GLY A 415 14.58 -6.61 1.98
C GLY A 415 13.47 -7.45 1.37
N HIS A 416 13.42 -7.43 0.03
CA HIS A 416 12.53 -8.24 -0.79
C HIS A 416 12.66 -9.72 -0.48
N ARG A 417 13.89 -10.21 -0.42
CA ARG A 417 14.11 -11.62 -0.12
C ARG A 417 13.91 -11.89 1.35
N TRP A 418 14.26 -10.93 2.19
CA TRP A 418 13.97 -11.03 3.62
C TRP A 418 12.43 -11.26 3.86
N ALA A 419 11.62 -10.46 3.19
CA ALA A 419 10.17 -10.61 3.22
C ALA A 419 9.71 -11.96 2.68
N GLU A 420 10.28 -12.39 1.57
CA GLU A 420 9.91 -13.69 1.01
C GLU A 420 10.15 -14.81 2.01
N MET A 421 11.32 -14.76 2.66
CA MET A 421 11.79 -15.75 3.60
C MET A 421 10.79 -15.82 4.76
N LEU A 422 10.48 -14.65 5.31
CA LEU A 422 9.59 -14.50 6.45
C LEU A 422 8.15 -14.87 6.09
N TYR A 423 7.69 -14.44 4.93
CA TYR A 423 6.36 -14.80 4.48
C TYR A 423 6.18 -16.32 4.39
N GLN A 424 7.05 -16.99 3.62
CA GLN A 424 6.98 -18.44 3.47
C GLN A 424 7.03 -19.15 4.81
N GLN A 425 7.89 -18.67 5.70
CA GLN A 425 8.04 -19.23 7.03
C GLN A 425 6.76 -19.15 7.87
N GLN A 426 6.11 -17.99 7.83
CA GLN A 426 4.87 -17.75 8.59
C GLN A 426 3.74 -18.57 7.98
N LEU A 427 3.70 -18.70 6.66
CA LEU A 427 2.67 -19.53 6.03
C LEU A 427 2.86 -21.01 6.33
N ASP A 428 4.11 -21.40 6.53
CA ASP A 428 4.43 -22.75 6.83
C ASP A 428 4.05 -23.09 8.27
N GLN A 429 4.37 -22.19 9.20
CA GLN A 429 4.06 -22.38 10.61
C GLN A 429 2.54 -22.22 10.91
N PHE A 430 1.88 -21.26 10.25
CA PHE A 430 0.46 -20.93 10.50
C PHE A 430 -0.28 -20.82 9.18
N PRO A 431 -0.59 -21.97 8.56
CA PRO A 431 -1.25 -21.88 7.25
C PRO A 431 -2.66 -21.28 7.26
N GLU A 432 -3.26 -21.14 8.43
CA GLU A 432 -4.61 -20.62 8.54
C GLU A 432 -4.62 -19.17 8.96
N LEU A 433 -3.44 -18.54 8.96
CA LEU A 433 -3.33 -17.12 9.32
C LEU A 433 -2.64 -16.33 8.20
N ARG A 434 -2.95 -15.03 8.20
CA ARG A 434 -2.38 -14.09 7.25
C ARG A 434 -1.16 -13.43 7.90
N PRO A 435 0.02 -13.56 7.28
CA PRO A 435 1.14 -12.92 7.92
C PRO A 435 1.03 -11.39 7.91
N PHE A 436 1.57 -10.79 8.95
CA PHE A 436 1.80 -9.35 9.11
C PHE A 436 3.31 -9.13 9.11
N ILE A 437 3.79 -8.45 8.08
CA ILE A 437 5.22 -8.19 7.84
C ILE A 437 5.37 -6.72 7.49
N MET A 438 5.93 -5.95 8.38
CA MET A 438 6.08 -4.51 8.15
C MET A 438 7.57 -4.25 7.92
N MET A 439 7.92 -3.62 6.83
CA MET A 439 9.35 -3.45 6.45
C MET A 439 9.61 -2.09 5.81
N ARG A 440 10.89 -1.69 5.84
CA ARG A 440 11.33 -0.33 5.44
C ARG A 440 11.83 -0.26 4.01
N ALA A 441 12.20 -1.41 3.44
CA ALA A 441 12.80 -1.45 2.12
C ALA A 441 12.48 -2.75 1.41
N GLY A 442 12.19 -2.66 0.13
CA GLY A 442 11.90 -3.81 -0.72
C GLY A 442 12.29 -3.55 -2.16
N PHE A 443 11.60 -4.23 -3.05
CA PHE A 443 11.82 -4.17 -4.44
C PHE A 443 10.46 -4.27 -5.12
N VAL A 444 10.42 -4.03 -6.43
CA VAL A 444 9.22 -4.28 -7.24
C VAL A 444 8.77 -5.71 -6.99
N GLY A 445 7.49 -5.86 -6.60
CA GLY A 445 6.89 -7.17 -6.31
C GLY A 445 6.91 -7.64 -4.87
N SER A 446 7.57 -6.91 -3.98
CA SER A 446 7.65 -7.33 -2.61
C SER A 446 6.25 -7.40 -1.97
N GLN A 447 5.27 -6.75 -2.58
CA GLN A 447 3.89 -6.85 -2.13
C GLN A 447 3.32 -8.27 -2.18
N ARG A 448 3.88 -9.14 -3.03
N ARG A 448 3.89 -9.13 -3.03
CA ARG A 448 3.41 -10.51 -3.10
CA ARG A 448 3.44 -10.51 -3.13
C ARG A 448 3.82 -11.32 -1.90
C ARG A 448 3.82 -11.31 -1.90
N TYR A 449 4.73 -10.80 -1.09
CA TYR A 449 5.09 -11.40 0.18
C TYR A 449 4.45 -10.65 1.39
N GLY A 450 3.40 -9.90 1.16
CA GLY A 450 2.69 -9.21 2.23
C GLY A 450 3.32 -7.94 2.70
N MET A 451 4.33 -7.39 1.98
CA MET A 451 5.11 -6.32 2.60
C MET A 451 4.22 -5.09 2.83
N ILE A 452 4.34 -4.54 4.03
CA ILE A 452 3.63 -3.34 4.38
C ILE A 452 4.73 -2.33 4.71
N PRO A 453 4.96 -1.37 3.80
CA PRO A 453 6.08 -0.43 4.05
C PRO A 453 5.58 0.80 4.76
N TRP A 454 6.50 1.44 5.49
CA TRP A 454 6.29 2.76 6.07
C TRP A 454 7.43 3.70 5.60
N THR A 455 7.20 5.02 5.68
CA THR A 455 8.13 6.03 5.15
C THR A 455 9.26 6.48 6.06
N GLY A 456 9.70 5.62 6.96
CA GLY A 456 10.86 5.88 7.76
C GLY A 456 10.87 7.01 8.76
N ASP A 457 12.07 7.53 9.05
CA ASP A 457 12.27 8.39 10.18
C ASP A 457 11.94 9.85 9.87
N VAL A 458 10.70 10.08 9.47
CA VAL A 458 10.25 11.43 9.15
C VAL A 458 10.41 12.41 10.31
N SER A 459 10.78 13.66 10.03
CA SER A 459 10.99 14.65 11.10
C SER A 459 9.63 15.01 11.71
N ARG A 460 9.65 15.56 12.92
CA ARG A 460 8.40 16.06 13.55
C ARG A 460 8.14 17.50 13.09
N THR A 461 7.90 17.65 11.81
CA THR A 461 7.61 18.94 11.21
C THR A 461 6.47 18.86 10.19
N TRP A 462 5.87 20.04 10.00
CA TRP A 462 4.84 20.19 8.99
C TRP A 462 5.32 19.73 7.61
N GLY A 463 6.58 20.03 7.28
CA GLY A 463 7.16 19.56 6.03
C GLY A 463 7.15 18.03 5.91
N GLY A 464 7.53 17.35 6.97
CA GLY A 464 7.44 15.86 7.07
C GLY A 464 6.02 15.35 6.78
N LEU A 465 5.01 16.02 7.35
CA LEU A 465 3.60 15.67 7.07
C LEU A 465 3.21 16.01 5.65
N ALA A 466 3.64 17.19 5.18
CA ALA A 466 3.24 17.65 3.83
C ALA A 466 3.76 16.78 2.67
N SER A 467 4.80 16.01 2.92
CA SER A 467 5.31 15.06 1.96
C SER A 467 4.65 13.70 1.95
N GLN A 468 3.86 13.35 2.96
CA GLN A 468 3.40 11.97 3.09
C GLN A 468 2.50 11.52 1.95
N VAL A 469 1.67 12.41 1.42
CA VAL A 469 0.75 12.04 0.34
C VAL A 469 1.52 11.71 -0.94
N GLU A 470 2.51 12.57 -1.27
CA GLU A 470 3.34 12.31 -2.45
C GLU A 470 4.00 10.92 -2.29
N LEU A 471 4.65 10.70 -1.18
CA LEU A 471 5.28 9.38 -0.94
C LEU A 471 4.31 8.21 -1.07
N ALA A 472 3.13 8.37 -0.46
CA ALA A 472 2.16 7.28 -0.47
C ALA A 472 1.67 6.99 -1.84
N LEU A 473 1.32 8.04 -2.59
CA LEU A 473 0.79 7.84 -3.93
C LEU A 473 1.85 7.23 -4.85
N GLN A 474 3.11 7.63 -4.67
CA GLN A 474 4.18 7.12 -5.55
C GLN A 474 4.37 5.63 -5.31
N MET A 475 4.28 5.19 -4.06
CA MET A 475 4.43 3.78 -3.70
C MET A 475 3.17 2.99 -4.07
N SER A 476 1.98 3.61 -3.92
CA SER A 476 0.68 2.95 -4.25
C SER A 476 0.52 2.65 -5.70
N LEU A 477 0.99 3.58 -6.54
CA LEU A 477 0.87 3.41 -7.95
C LEU A 477 1.67 2.23 -8.53
N LEU A 478 2.74 1.86 -7.84
CA LEU A 478 3.64 0.79 -8.26
C LEU A 478 3.67 -0.40 -7.30
N GLY A 479 2.52 -0.65 -6.70
CA GLY A 479 2.27 -1.92 -6.04
C GLY A 479 2.02 -2.00 -4.55
N PHE A 480 2.21 -0.89 -3.82
CA PHE A 480 2.22 -0.94 -2.39
C PHE A 480 1.04 -0.24 -1.70
N GLY A 481 -0.03 -0.99 -1.50
CA GLY A 481 -1.27 -0.42 -0.98
C GLY A 481 -1.26 0.07 0.42
N TYR A 482 -0.37 -0.49 1.26
CA TYR A 482 -0.37 -0.29 2.68
C TYR A 482 0.77 0.59 3.15
N ILE A 483 1.36 1.33 2.22
CA ILE A 483 2.33 2.37 2.53
C ILE A 483 1.68 3.36 3.48
N HIS A 484 2.42 3.73 4.52
CA HIS A 484 1.93 4.68 5.48
C HIS A 484 3.06 5.40 6.15
N SER A 485 2.72 6.33 7.03
CA SER A 485 3.71 7.05 7.83
C SER A 485 3.62 6.82 9.30
N ASP A 486 4.72 7.13 9.98
CA ASP A 486 4.75 7.27 11.41
C ASP A 486 3.85 8.44 11.82
N LEU A 487 2.63 8.13 12.31
CA LEU A 487 1.68 9.21 12.60
C LEU A 487 2.15 10.10 13.73
N GLY A 488 2.10 11.41 13.47
CA GLY A 488 2.58 12.40 14.41
C GLY A 488 4.05 12.78 14.19
N GLY A 489 4.74 12.01 13.35
CA GLY A 489 6.19 12.15 13.17
C GLY A 489 7.07 11.47 14.19
N PHE A 490 8.28 11.14 13.74
CA PHE A 490 9.23 10.28 14.43
C PHE A 490 10.43 10.98 15.00
N ALA A 491 11.11 11.79 14.20
CA ALA A 491 12.49 12.22 14.53
C ALA A 491 12.57 13.57 15.25
N ASP A 492 13.36 13.56 16.34
CA ASP A 492 13.85 14.71 17.04
C ASP A 492 12.67 15.45 17.65
N GLY A 493 12.66 16.79 17.55
CA GLY A 493 11.75 17.60 18.33
C GLY A 493 12.18 17.62 19.78
N GLU A 494 11.80 18.67 20.48
CA GLU A 494 12.00 18.73 21.93
C GLU A 494 10.67 18.83 22.72
N THR A 495 9.61 19.29 22.09
CA THR A 495 8.32 19.33 22.73
C THR A 495 7.29 19.14 21.68
N LEU A 496 6.13 18.58 22.07
CA LEU A 496 5.08 18.23 21.13
C LEU A 496 4.60 19.45 20.35
N ASP A 497 4.49 19.34 19.05
CA ASP A 497 3.81 20.36 18.25
C ASP A 497 2.35 19.86 18.16
N LYS A 498 1.52 20.37 19.07
CA LYS A 498 0.16 19.81 19.26
C LYS A 498 -0.69 19.89 18.01
N GLU A 499 -0.67 21.03 17.32
CA GLU A 499 -1.50 21.18 16.11
C GLU A 499 -1.04 20.29 14.98
N MET A 500 0.29 20.17 14.80
CA MET A 500 0.81 19.28 13.77
C MET A 500 0.42 17.81 14.09
N TYR A 501 0.62 17.40 15.33
CA TYR A 501 0.25 16.05 15.81
C TYR A 501 -1.21 15.72 15.49
N ILE A 502 -2.13 16.63 15.81
CA ILE A 502 -3.55 16.43 15.58
C ILE A 502 -3.84 16.29 14.10
N ARG A 503 -3.30 17.21 13.29
CA ARG A 503 -3.47 17.12 11.87
C ARG A 503 -2.94 15.81 11.27
N TRP A 504 -1.84 15.34 11.82
CA TRP A 504 -1.18 14.13 11.29
C TRP A 504 -2.06 12.92 11.67
N LEU A 505 -2.58 12.89 12.90
CA LEU A 505 -3.46 11.76 13.32
C LEU A 505 -4.85 11.82 12.71
N GLN A 506 -5.29 13.01 12.27
CA GLN A 506 -6.53 13.13 11.46
C GLN A 506 -6.38 12.52 10.09
N TYR A 507 -5.34 12.97 9.36
CA TYR A 507 -5.00 12.42 8.07
C TYR A 507 -4.83 10.88 8.17
N GLY A 508 -4.21 10.45 9.25
CA GLY A 508 -4.03 9.04 9.59
C GLY A 508 -5.23 8.16 9.32
N VAL A 509 -6.41 8.66 9.69
CA VAL A 509 -7.69 7.91 9.57
C VAL A 509 -7.94 7.50 8.18
N PHE A 510 -7.48 8.35 7.22
CA PHE A 510 -7.73 8.19 5.80
C PHE A 510 -6.46 7.81 4.99
N GLN A 511 -5.60 7.02 5.62
CA GLN A 511 -4.52 6.42 4.93
C GLN A 511 -4.31 5.03 5.52
N PRO A 512 -3.48 4.18 4.85
CA PRO A 512 -3.62 2.74 5.04
C PRO A 512 -3.45 2.08 6.41
N VAL A 513 -2.51 2.50 7.22
CA VAL A 513 -2.25 1.80 8.46
C VAL A 513 -2.18 2.85 9.52
N TYR A 514 -2.93 2.64 10.62
CA TYR A 514 -3.10 3.62 11.74
C TYR A 514 -2.05 3.37 12.85
N ARG A 515 -0.81 3.84 12.62
CA ARG A 515 0.31 3.54 13.45
C ARG A 515 1.07 4.82 13.76
N PRO A 516 0.63 5.54 14.78
CA PRO A 516 1.48 6.58 15.33
C PRO A 516 2.70 5.97 15.96
N HIS A 517 3.87 6.59 15.70
CA HIS A 517 5.18 6.06 16.16
C HIS A 517 6.19 7.23 16.23
N GLY A 518 7.02 7.29 17.27
CA GLY A 518 7.96 8.38 17.43
C GLY A 518 8.94 8.11 18.50
N GLN A 519 10.06 8.81 18.46
CA GLN A 519 11.04 8.67 19.55
C GLN A 519 10.41 9.09 20.89
N ASP A 520 10.70 8.33 21.94
CA ASP A 520 9.85 8.31 23.15
C ASP A 520 10.09 9.46 24.14
N HIS A 521 10.95 10.43 23.82
CA HIS A 521 11.00 11.70 24.57
C HIS A 521 9.75 12.59 24.35
N ILE A 522 9.00 12.33 23.30
CA ILE A 522 7.68 12.90 23.09
C ILE A 522 6.71 11.73 22.78
N PRO A 523 5.54 11.66 23.43
CA PRO A 523 4.63 10.52 23.21
C PRO A 523 4.02 10.53 21.84
N SER A 524 4.07 9.38 21.16
CA SER A 524 3.42 9.20 19.88
C SER A 524 1.96 8.70 20.01
N GLU A 525 1.67 7.99 21.08
CA GLU A 525 0.32 7.34 21.23
C GLU A 525 -0.75 8.39 21.63
N PRO A 526 -1.92 8.36 20.99
CA PRO A 526 -2.95 9.39 21.26
C PRO A 526 -3.48 9.38 22.66
N VAL A 527 -3.35 8.25 23.35
CA VAL A 527 -3.83 8.09 24.71
C VAL A 527 -3.03 8.87 25.72
N PHE A 528 -1.80 9.26 25.36
CA PHE A 528 -0.97 10.03 26.25
C PHE A 528 -1.02 11.53 25.96
N GLN A 529 -2.07 12.02 25.31
CA GLN A 529 -2.13 13.42 24.90
C GLN A 529 -3.06 14.17 25.88
N ASP A 530 -3.13 15.50 25.77
CA ASP A 530 -3.90 16.29 26.75
C ASP A 530 -5.39 16.15 26.42
N GLU A 531 -6.25 16.71 27.28
CA GLU A 531 -7.70 16.51 27.16
C GLU A 531 -8.26 16.99 25.85
N GLU A 532 -7.88 18.18 25.40
CA GLU A 532 -8.34 18.67 24.10
C GLU A 532 -7.95 17.74 22.92
N THR A 533 -6.72 17.22 22.96
CA THR A 533 -6.23 16.41 21.84
C THR A 533 -7.00 15.08 21.79
N LYS A 534 -7.23 14.49 22.95
CA LYS A 534 -8.01 13.23 23.01
C LYS A 534 -9.48 13.44 22.65
N ALA A 535 -10.07 14.55 23.07
CA ALA A 535 -11.47 14.81 22.67
C ALA A 535 -11.59 15.02 21.18
N ILE A 536 -10.55 15.54 20.53
CA ILE A 536 -10.56 15.58 19.09
C ILE A 536 -10.32 14.20 18.46
N LEU A 537 -9.29 13.49 18.92
CA LEU A 537 -8.88 12.25 18.23
C LEU A 537 -9.70 10.97 18.60
N ARG A 538 -10.19 10.85 19.82
CA ARG A 538 -10.98 9.66 20.20
C ARG A 538 -12.13 9.35 19.21
N PRO A 539 -13.00 10.31 18.90
CA PRO A 539 -14.04 9.97 17.91
C PRO A 539 -13.55 9.63 16.52
N LEU A 540 -12.39 10.15 16.15
CA LEU A 540 -11.79 9.85 14.86
C LEU A 540 -11.17 8.44 14.82
N VAL A 541 -10.49 8.06 15.87
CA VAL A 541 -9.98 6.69 15.95
C VAL A 541 -11.19 5.73 15.98
N LYS A 542 -12.24 6.07 16.72
CA LYS A 542 -13.49 5.26 16.60
C LYS A 542 -14.06 5.22 15.20
N LEU A 543 -14.03 6.37 14.52
CA LEU A 543 -14.52 6.43 13.16
C LEU A 543 -13.77 5.48 12.21
N ARG A 544 -12.46 5.36 12.45
CA ARG A 544 -11.63 4.45 11.67
C ARG A 544 -12.19 3.02 11.86
N TYR A 545 -12.55 2.65 13.08
CA TYR A 545 -13.18 1.33 13.32
C TYR A 545 -14.61 1.20 12.74
N ARG A 546 -15.39 2.28 12.75
CA ARG A 546 -16.73 2.22 12.22
C ARG A 546 -16.72 2.10 10.73
N MET A 547 -15.67 2.64 10.12
CA MET A 547 -15.45 2.56 8.71
C MET A 547 -14.74 1.26 8.21
N LEU A 548 -14.45 0.30 9.06
CA LEU A 548 -13.80 -0.94 8.62
C LEU A 548 -14.47 -1.58 7.42
N PRO A 549 -15.83 -1.55 7.32
CA PRO A 549 -16.33 -2.13 6.06
C PRO A 549 -15.89 -1.43 4.80
N TYR A 550 -15.75 -0.10 4.85
CA TYR A 550 -15.27 0.68 3.69
C TYR A 550 -13.79 0.36 3.37
N ILE A 551 -12.96 0.36 4.41
CA ILE A 551 -11.54 0.20 4.27
C ILE A 551 -11.20 -1.24 3.86
N TYR A 552 -11.85 -2.21 4.49
CA TYR A 552 -11.58 -3.62 4.25
C TYR A 552 -12.06 -4.02 2.89
N THR A 553 -13.10 -3.37 2.37
CA THR A 553 -13.55 -3.60 0.99
C THR A 553 -12.55 -3.03 -0.06
N ALA A 554 -11.97 -1.87 0.23
CA ALA A 554 -10.89 -1.33 -0.65
C ALA A 554 -9.67 -2.27 -0.61
N ALA A 555 -9.38 -2.84 0.57
CA ALA A 555 -8.32 -3.82 0.75
C ALA A 555 -8.55 -5.05 -0.11
N TYR A 556 -9.75 -5.61 -0.01
CA TYR A 556 -10.20 -6.64 -0.93
C TYR A 556 -9.98 -6.28 -2.41
N GLN A 557 -10.40 -5.09 -2.83
CA GLN A 557 -10.19 -4.69 -4.22
C GLN A 557 -8.69 -4.60 -4.59
N ASN A 558 -7.85 -4.19 -3.65
CA ASN A 558 -6.38 -4.18 -3.83
C ASN A 558 -5.86 -5.58 -4.02
N THR A 559 -6.32 -6.53 -3.22
CA THR A 559 -5.94 -7.93 -3.44
C THR A 559 -6.37 -8.42 -4.81
N LEU A 560 -7.58 -8.05 -5.19
CA LEU A 560 -8.09 -8.49 -6.47
C LEU A 560 -7.40 -7.90 -7.70
N THR A 561 -7.12 -6.60 -7.67
CA THR A 561 -6.71 -5.88 -8.91
C THR A 561 -5.49 -4.95 -8.79
N GLY A 562 -4.83 -4.90 -7.63
CA GLY A 562 -3.82 -3.89 -7.39
C GLY A 562 -4.33 -2.51 -7.05
N MET A 563 -5.65 -2.25 -7.15
CA MET A 563 -6.15 -0.88 -6.96
C MET A 563 -5.69 -0.38 -5.61
N PRO A 564 -4.94 0.72 -5.58
CA PRO A 564 -4.47 1.15 -4.27
C PRO A 564 -5.61 1.73 -3.45
N LEU A 565 -5.40 1.79 -2.15
CA LEU A 565 -6.41 2.34 -1.26
C LEU A 565 -6.43 3.87 -1.48
N MET A 566 -5.25 4.51 -1.39
CA MET A 566 -5.13 5.93 -1.77
C MET A 566 -4.95 5.99 -3.29
N ARG A 567 -5.78 6.80 -3.96
CA ARG A 567 -5.68 7.02 -5.40
C ARG A 567 -5.39 8.51 -5.64
N PRO A 568 -4.56 8.81 -6.66
CA PRO A 568 -4.29 10.24 -6.94
C PRO A 568 -5.47 10.96 -7.59
N LEU A 569 -5.51 12.29 -7.40
CA LEU A 569 -6.48 13.13 -8.10
C LEU A 569 -6.56 12.83 -9.57
N PHE A 570 -5.43 12.52 -10.21
CA PHE A 570 -5.40 12.34 -11.66
C PHE A 570 -6.18 11.19 -12.23
N PHE A 571 -6.49 10.19 -11.41
CA PHE A 571 -7.46 9.15 -11.79
C PHE A 571 -8.83 9.71 -12.21
N SER A 572 -9.23 10.84 -11.62
CA SER A 572 -10.52 11.49 -11.90
C SER A 572 -10.68 12.00 -13.33
N ASP A 573 -9.57 12.19 -14.06
CA ASP A 573 -9.62 12.59 -15.46
C ASP A 573 -8.29 12.27 -16.16
N GLU A 574 -8.31 11.18 -16.90
CA GLU A 574 -7.13 10.63 -17.56
C GLU A 574 -6.67 11.45 -18.76
N LYS A 575 -7.55 12.29 -19.30
CA LYS A 575 -7.18 13.17 -20.40
C LYS A 575 -6.71 14.55 -19.94
N ASN A 576 -6.49 14.79 -18.65
CA ASN A 576 -5.98 16.07 -18.13
C ASN A 576 -4.68 15.75 -17.40
N PRO A 577 -3.56 15.72 -18.14
CA PRO A 577 -2.28 15.32 -17.50
C PRO A 577 -1.80 16.33 -16.46
N ALA A 578 -2.22 17.58 -16.52
CA ALA A 578 -1.90 18.54 -15.46
C ALA A 578 -2.28 18.10 -14.03
N LEU A 579 -3.33 17.29 -13.89
CA LEU A 579 -3.70 16.76 -12.56
C LEU A 579 -2.63 15.87 -11.94
N ILE A 580 -1.80 15.24 -12.79
CA ILE A 580 -0.68 14.44 -12.29
C ILE A 580 0.16 15.17 -11.19
N ASP A 581 0.33 16.49 -11.31
CA ASP A 581 1.13 17.27 -10.32
C ASP A 581 0.52 17.39 -8.91
N ASN A 582 -0.79 17.18 -8.78
CA ASN A 582 -1.45 17.30 -7.49
C ASN A 582 -0.98 16.24 -6.47
N LYS A 583 -0.48 16.72 -5.33
CA LYS A 583 -0.08 15.88 -4.20
C LYS A 583 -0.64 16.39 -2.87
N THR A 584 -1.76 17.10 -2.94
CA THR A 584 -2.38 17.69 -1.76
C THR A 584 -3.84 17.17 -1.53
N SER A 585 -4.51 16.64 -2.56
CA SER A 585 -5.87 16.05 -2.47
C SER A 585 -5.75 14.68 -3.08
N TYR A 586 -6.36 13.68 -2.46
CA TYR A 586 -6.36 12.30 -2.97
C TYR A 586 -7.71 11.61 -2.63
N PHE A 587 -8.00 10.52 -3.34
CA PHE A 587 -9.11 9.62 -3.04
C PHE A 587 -8.73 8.51 -2.03
N TRP A 588 -9.51 8.40 -0.96
CA TRP A 588 -9.46 7.27 -0.04
C TRP A 588 -10.63 6.41 -0.42
N GLY A 589 -10.32 5.27 -1.05
CA GLY A 589 -11.31 4.45 -1.74
C GLY A 589 -11.98 5.16 -2.90
N ASP A 590 -13.14 4.68 -3.33
CA ASP A 590 -13.83 5.30 -4.47
C ASP A 590 -14.45 6.66 -4.17
N SER A 591 -14.85 6.90 -2.93
CA SER A 591 -15.88 7.92 -2.66
C SER A 591 -15.47 9.18 -1.90
N LEU A 592 -14.30 9.16 -1.26
CA LEU A 592 -13.88 10.26 -0.41
C LEU A 592 -12.68 10.94 -1.04
N LEU A 593 -12.81 12.25 -1.22
CA LEU A 593 -11.73 13.14 -1.65
C LEU A 593 -11.25 13.88 -0.40
N VAL A 594 -10.02 13.58 0.02
CA VAL A 594 -9.45 14.04 1.25
C VAL A 594 -8.39 15.09 0.96
N THR A 595 -8.39 16.20 1.72
CA THR A 595 -7.35 17.24 1.55
C THR A 595 -6.68 17.51 2.90
N PRO A 596 -5.57 16.81 3.19
CA PRO A 596 -5.00 17.05 4.51
C PRO A 596 -4.53 18.48 4.71
N ILE A 597 -4.58 18.95 5.96
CA ILE A 597 -4.12 20.26 6.32
C ILE A 597 -2.68 20.03 6.70
N THR A 598 -1.78 20.73 6.00
CA THR A 598 -0.36 20.50 6.21
C THR A 598 0.43 21.77 6.57
N GLN A 599 -0.24 22.78 7.14
CA GLN A 599 0.44 23.93 7.72
C GLN A 599 -0.32 24.41 8.91
N ALA A 600 0.36 25.10 9.79
CA ALA A 600 -0.25 25.63 10.99
C ALA A 600 -1.21 26.78 10.63
N GLY A 601 -2.28 26.92 11.40
CA GLY A 601 -3.24 28.02 11.27
C GLY A 601 -4.04 28.20 9.98
N VAL A 602 -4.01 27.23 9.08
CA VAL A 602 -4.77 27.34 7.83
C VAL A 602 -6.27 27.53 8.15
N GLU A 603 -6.86 28.59 7.61
CA GLU A 603 -8.27 28.97 7.89
C GLU A 603 -9.26 28.50 6.87
N SER A 604 -8.80 28.20 5.65
CA SER A 604 -9.65 27.66 4.61
C SER A 604 -8.78 26.95 3.56
N VAL A 605 -9.38 26.11 2.72
CA VAL A 605 -8.70 25.40 1.64
C VAL A 605 -9.51 25.49 0.38
N SER A 606 -8.81 25.42 -0.74
CA SER A 606 -9.39 25.36 -2.05
C SER A 606 -9.18 23.94 -2.56
N ILE A 607 -10.27 23.23 -2.87
CA ILE A 607 -10.22 21.82 -3.19
C ILE A 607 -10.58 21.69 -4.62
N PRO A 608 -9.68 21.11 -5.46
CA PRO A 608 -9.85 20.96 -6.89
C PRO A 608 -10.73 19.77 -7.26
N ALA A 609 -11.96 19.83 -6.78
CA ALA A 609 -12.86 18.71 -6.87
C ALA A 609 -13.20 18.45 -8.32
N PRO A 610 -13.16 17.19 -8.75
CA PRO A 610 -13.65 17.00 -10.11
C PRO A 610 -15.10 17.49 -10.28
N LYS A 611 -15.38 17.93 -11.50
CA LYS A 611 -16.71 18.22 -11.99
C LYS A 611 -17.71 17.22 -11.40
N GLY A 612 -18.79 17.72 -10.81
CA GLY A 612 -19.90 16.88 -10.39
C GLY A 612 -20.41 17.38 -9.07
N VAL A 613 -21.08 16.49 -8.32
CA VAL A 613 -21.68 16.84 -7.04
C VAL A 613 -20.94 16.20 -5.89
N TRP A 614 -20.75 16.96 -4.82
CA TRP A 614 -19.91 16.57 -3.68
C TRP A 614 -20.59 16.99 -2.40
N PHE A 615 -20.43 16.22 -1.34
CA PHE A 615 -20.96 16.61 -0.07
C PHE A 615 -19.85 16.73 0.93
N ASP A 616 -19.94 17.74 1.81
CA ASP A 616 -19.09 17.82 3.02
C ASP A 616 -19.37 16.60 3.95
N PHE A 617 -18.33 15.80 4.19
CA PHE A 617 -18.47 14.54 4.93
C PHE A 617 -18.97 14.83 6.31
N TRP A 618 -18.51 15.93 6.90
CA TRP A 618 -18.75 16.24 8.30
C TRP A 618 -20.06 17.00 8.52
N LYS A 619 -20.48 17.78 7.54
CA LYS A 619 -21.60 18.72 7.72
C LYS A 619 -22.78 18.47 6.82
N ASP A 620 -22.62 17.59 5.82
CA ASP A 620 -23.68 17.22 4.90
C ASP A 620 -23.99 18.25 3.83
N THR A 621 -23.27 19.38 3.78
CA THR A 621 -23.49 20.41 2.74
C THR A 621 -23.25 19.90 1.37
N ARG A 622 -24.11 20.27 0.43
CA ARG A 622 -24.05 19.80 -0.96
C ARG A 622 -23.40 20.89 -1.81
N TYR A 623 -22.46 20.51 -2.70
CA TYR A 623 -21.77 21.43 -3.60
C TYR A 623 -21.88 20.80 -4.96
N GLN A 624 -22.18 21.61 -5.97
CA GLN A 624 -22.14 21.20 -7.39
C GLN A 624 -21.00 22.03 -7.98
N THR A 625 -20.23 21.45 -8.89
CA THR A 625 -19.17 22.21 -9.53
C THR A 625 -19.00 21.73 -10.93
N ASP A 626 -18.78 22.68 -11.84
CA ASP A 626 -18.56 22.43 -13.25
C ASP A 626 -17.07 22.42 -13.62
N GLY A 627 -16.18 22.59 -12.65
CA GLY A 627 -14.73 22.64 -12.90
C GLY A 627 -14.01 23.45 -11.84
N ALA A 628 -14.61 24.57 -11.45
CA ALA A 628 -13.97 25.47 -10.49
C ALA A 628 -13.77 24.79 -9.13
N PRO A 629 -12.67 25.14 -8.42
CA PRO A 629 -12.48 24.54 -7.10
C PRO A 629 -13.49 25.01 -6.03
N LEU A 630 -13.63 24.24 -4.97
CA LEU A 630 -14.50 24.57 -3.85
C LEU A 630 -13.67 25.06 -2.71
N THR A 631 -14.13 26.09 -2.04
CA THR A 631 -13.44 26.62 -0.90
C THR A 631 -14.16 26.18 0.35
N LEU A 632 -13.50 25.41 1.19
CA LEU A 632 -14.11 25.01 2.45
C LEU A 632 -13.34 25.61 3.59
N PRO A 633 -14.05 26.08 4.63
CA PRO A 633 -13.38 26.52 5.85
C PRO A 633 -12.83 25.32 6.64
N THR A 634 -11.87 25.55 7.52
CA THR A 634 -11.24 24.47 8.30
C THR A 634 -11.58 24.62 9.74
N ASP A 635 -11.41 23.57 10.50
CA ASP A 635 -11.51 23.70 11.96
C ASP A 635 -10.50 22.75 12.57
N LEU A 636 -10.31 22.81 13.87
CA LEU A 636 -9.28 21.97 14.49
C LEU A 636 -9.75 20.51 14.70
N HIS A 637 -11.08 20.29 14.74
N HIS A 637 -11.07 20.31 14.70
CA HIS A 637 -11.63 18.95 15.05
CA HIS A 637 -11.69 19.05 15.04
C HIS A 637 -11.65 18.01 13.83
C HIS A 637 -11.67 18.05 13.85
N THR A 638 -11.59 18.56 12.62
CA THR A 638 -11.56 17.74 11.38
C THR A 638 -10.54 18.23 10.33
N ILE A 639 -10.39 17.45 9.24
CA ILE A 639 -9.75 17.88 7.99
C ILE A 639 -10.74 17.74 6.86
N PRO A 640 -10.59 18.52 5.79
CA PRO A 640 -11.62 18.52 4.73
C PRO A 640 -11.76 17.24 3.91
N VAL A 641 -12.96 16.67 3.94
CA VAL A 641 -13.28 15.44 3.26
C VAL A 641 -14.59 15.70 2.55
N LEU A 642 -14.61 15.41 1.26
CA LEU A 642 -15.80 15.50 0.47
C LEU A 642 -16.21 14.09 0.03
N VAL A 643 -17.52 13.87 0.00
CA VAL A 643 -18.09 12.58 -0.48
C VAL A 643 -18.69 12.78 -1.85
N LYS A 644 -18.39 11.84 -2.75
CA LYS A 644 -18.91 11.86 -4.07
C LYS A 644 -20.39 11.45 -4.12
N ALA A 645 -21.20 12.19 -4.86
CA ALA A 645 -22.57 11.82 -5.08
C ALA A 645 -22.63 10.46 -5.67
N GLY A 646 -23.57 9.66 -5.14
CA GLY A 646 -23.72 8.29 -5.55
C GLY A 646 -22.92 7.32 -4.70
N ALA A 647 -22.20 7.79 -3.68
CA ALA A 647 -21.48 6.95 -2.76
C ALA A 647 -22.41 6.14 -1.82
N PHE A 648 -22.00 4.91 -1.49
CA PHE A 648 -22.57 4.12 -0.38
C PHE A 648 -21.48 3.99 0.66
N MET A 649 -21.61 4.70 1.78
CA MET A 649 -20.63 4.66 2.85
C MET A 649 -21.18 3.70 3.89
N PRO A 650 -20.50 2.55 4.09
CA PRO A 650 -20.96 1.54 5.07
C PRO A 650 -20.27 1.66 6.44
N TYR A 651 -21.03 1.49 7.52
CA TYR A 651 -20.49 1.51 8.84
C TYR A 651 -21.01 0.37 9.73
N VAL A 652 -20.19 0.00 10.70
CA VAL A 652 -20.59 -0.90 11.77
C VAL A 652 -20.33 -0.12 13.04
N PRO A 653 -20.90 -0.60 14.15
CA PRO A 653 -20.59 0.05 15.41
C PRO A 653 -19.11 -0.10 15.81
N ALA A 654 -18.62 0.88 16.56
CA ALA A 654 -17.23 0.92 16.98
C ALA A 654 -17.02 -0.18 17.99
N VAL A 655 -15.87 -0.82 17.91
CA VAL A 655 -15.42 -1.82 18.86
C VAL A 655 -14.06 -1.43 19.38
N SER A 656 -13.62 -2.04 20.45
CA SER A 656 -12.29 -1.79 20.97
C SER A 656 -11.15 -2.44 20.13
N THR A 657 -11.49 -3.52 19.42
CA THR A 657 -10.51 -4.43 18.82
C THR A 657 -11.27 -5.17 17.72
N THR A 658 -10.59 -5.41 16.61
CA THR A 658 -11.20 -6.11 15.49
C THR A 658 -11.50 -7.56 15.86
N GLU A 659 -10.93 -8.07 16.97
CA GLU A 659 -11.29 -9.43 17.47
C GLU A 659 -12.79 -9.51 17.86
N ASP A 660 -13.37 -8.35 18.20
CA ASP A 660 -14.81 -8.20 18.52
C ASP A 660 -15.66 -7.75 17.35
N TYR A 661 -15.11 -7.73 16.14
CA TYR A 661 -15.79 -7.12 15.02
C TYR A 661 -17.09 -7.89 14.72
N ARG A 662 -18.23 -7.18 14.62
CA ARG A 662 -19.45 -7.76 14.05
C ARG A 662 -20.13 -6.80 13.06
N SER A 663 -20.75 -7.40 12.05
CA SER A 663 -21.58 -6.72 11.08
C SER A 663 -23.06 -7.10 11.28
N ASP A 664 -23.43 -7.56 12.47
CA ASP A 664 -24.88 -7.82 12.76
C ASP A 664 -25.75 -6.59 12.55
N SER A 665 -25.17 -5.45 12.86
CA SER A 665 -25.77 -4.14 12.66
C SER A 665 -24.95 -3.37 11.61
N LEU A 666 -25.58 -3.00 10.51
CA LEU A 666 -25.00 -2.17 9.47
C LEU A 666 -25.70 -0.86 9.46
N GLU A 667 -24.97 0.18 9.06
CA GLU A 667 -25.52 1.49 8.84
C GLU A 667 -24.87 2.01 7.58
N ILE A 668 -25.69 2.32 6.59
CA ILE A 668 -25.21 2.64 5.28
C ILE A 668 -25.77 3.97 4.85
N HIS A 669 -24.90 4.85 4.36
CA HIS A 669 -25.28 6.19 3.98
C HIS A 669 -25.09 6.35 2.52
N TYR A 670 -26.19 6.66 1.83
CA TYR A 670 -26.20 6.83 0.42
C TYR A 670 -26.35 8.29 0.11
N TYR A 671 -25.44 8.81 -0.72
CA TYR A 671 -25.46 10.24 -1.11
C TYR A 671 -26.18 10.48 -2.44
N ALA A 672 -27.49 10.75 -2.38
CA ALA A 672 -28.29 10.81 -3.59
C ALA A 672 -28.20 12.15 -4.29
N ASP A 673 -28.21 12.07 -5.60
CA ASP A 673 -28.31 13.23 -6.48
C ASP A 673 -28.74 12.76 -7.83
N ALA A 674 -29.67 13.48 -8.42
CA ALA A 674 -30.21 13.14 -9.75
C ALA A 674 -29.15 13.15 -10.87
N SER A 675 -28.02 13.82 -10.65
CA SER A 675 -26.90 13.79 -11.57
C SER A 675 -26.25 12.42 -11.62
N VAL A 676 -26.54 11.53 -10.66
CA VAL A 676 -26.03 10.18 -10.70
C VAL A 676 -27.20 9.22 -10.80
N PRO A 677 -27.58 8.84 -12.03
CA PRO A 677 -28.76 8.00 -12.23
C PRO A 677 -28.55 6.51 -11.94
N LEU A 678 -27.32 6.09 -11.64
CA LEU A 678 -27.02 4.69 -11.44
C LEU A 678 -25.75 4.65 -10.62
N ALA A 679 -25.75 3.94 -9.49
CA ALA A 679 -24.63 3.87 -8.59
C ALA A 679 -24.50 2.50 -7.95
N GLN A 680 -23.28 2.16 -7.52
CA GLN A 680 -23.01 0.90 -6.88
C GLN A 680 -22.03 0.96 -5.74
N GLY A 681 -22.18 0.00 -4.84
CA GLY A 681 -21.24 -0.19 -3.78
C GLY A 681 -21.18 -1.64 -3.44
N GLU A 682 -20.17 -1.97 -2.65
CA GLU A 682 -20.04 -3.30 -2.16
C GLU A 682 -19.41 -3.28 -0.82
N ILE A 683 -19.69 -4.35 -0.09
CA ILE A 683 -19.14 -4.58 1.19
C ILE A 683 -18.66 -6.04 1.20
N PHE A 684 -17.35 -6.21 1.39
CA PHE A 684 -16.72 -7.53 1.47
C PHE A 684 -16.57 -7.94 2.90
N GLU A 685 -17.21 -9.04 3.31
CA GLU A 685 -17.11 -9.55 4.66
CA GLU A 685 -17.13 -9.56 4.66
C GLU A 685 -16.57 -10.97 4.59
N ASP A 686 -15.65 -11.29 5.49
CA ASP A 686 -15.20 -12.67 5.64
C ASP A 686 -14.80 -12.83 7.07
N ASP A 687 -14.09 -13.89 7.45
CA ASP A 687 -13.71 -14.02 8.86
C ASP A 687 -12.60 -13.09 9.35
N GLY A 688 -12.09 -12.23 8.47
CA GLY A 688 -11.01 -11.33 8.82
C GLY A 688 -9.65 -11.95 9.06
N LYS A 689 -9.50 -13.26 8.85
CA LYS A 689 -8.23 -13.92 9.18
C LYS A 689 -7.73 -15.03 8.23
N ASP A 690 -8.60 -15.61 7.42
CA ASP A 690 -8.28 -16.77 6.60
C ASP A 690 -7.60 -16.37 5.26
N PRO A 691 -6.33 -16.80 5.04
CA PRO A 691 -5.62 -16.42 3.83
C PRO A 691 -6.26 -16.95 2.56
N ASN A 692 -7.04 -18.03 2.66
CA ASN A 692 -7.71 -18.61 1.53
C ASN A 692 -9.17 -18.19 1.34
N SER A 693 -9.66 -17.24 2.14
CA SER A 693 -11.06 -16.83 2.03
C SER A 693 -11.46 -16.49 0.61
N ILE A 694 -10.66 -15.70 -0.11
CA ILE A 694 -11.03 -15.27 -1.44
C ILE A 694 -10.96 -16.40 -2.51
N LYS A 695 -9.86 -17.13 -2.49
CA LYS A 695 -9.61 -18.26 -3.40
C LYS A 695 -10.75 -19.29 -3.30
N ARG A 696 -11.12 -19.64 -2.07
CA ARG A 696 -12.18 -20.63 -1.81
C ARG A 696 -13.62 -20.08 -1.71
N ASN A 697 -13.82 -18.80 -2.03
CA ASN A 697 -15.13 -18.11 -1.88
C ASN A 697 -15.78 -18.18 -0.50
N GLN A 698 -15.00 -18.29 0.57
CA GLN A 698 -15.51 -18.28 1.94
C GLN A 698 -15.69 -16.82 2.37
N PHE A 699 -16.58 -16.14 1.66
CA PHE A 699 -16.93 -14.77 1.97
C PHE A 699 -18.39 -14.45 1.64
N ASP A 700 -18.80 -13.30 2.16
CA ASP A 700 -20.13 -12.73 1.97
C ASP A 700 -19.91 -11.38 1.26
N LEU A 701 -20.31 -11.30 0.02
CA LEU A 701 -20.08 -10.10 -0.75
C LEU A 701 -21.41 -9.40 -0.96
N LEU A 702 -21.62 -8.32 -0.21
CA LEU A 702 -22.84 -7.53 -0.28
C LEU A 702 -22.68 -6.51 -1.37
N THR A 703 -23.66 -6.44 -2.26
CA THR A 703 -23.72 -5.43 -3.30
C THR A 703 -25.00 -4.58 -3.16
N LEU A 704 -24.90 -3.33 -3.62
CA LEU A 704 -25.97 -2.36 -3.54
C LEU A 704 -25.95 -1.58 -4.83
N GLN A 705 -27.11 -1.51 -5.47
CA GLN A 705 -27.27 -0.73 -6.69
C GLN A 705 -28.43 0.27 -6.51
N ALA A 706 -28.15 1.54 -6.77
CA ALA A 706 -29.17 2.58 -6.74
C ALA A 706 -29.49 2.98 -8.16
N THR A 707 -30.77 3.12 -8.44
CA THR A 707 -31.30 3.66 -9.70
C THR A 707 -32.15 4.89 -9.40
N HIS A 708 -31.71 6.05 -9.88
CA HIS A 708 -32.31 7.31 -9.49
C HIS A 708 -32.87 7.99 -10.73
N THR A 709 -34.20 8.00 -10.85
CA THR A 709 -34.88 8.67 -11.95
C THR A 709 -35.66 9.87 -11.41
N ASP A 710 -36.43 10.52 -12.27
CA ASP A 710 -37.14 11.73 -11.91
C ASP A 710 -38.15 11.47 -10.82
N ASN A 711 -38.84 10.35 -10.91
CA ASN A 711 -39.91 10.05 -9.94
C ASN A 711 -39.64 8.88 -9.03
N GLN A 712 -38.49 8.21 -9.11
CA GLN A 712 -38.26 7.14 -8.20
C GLN A 712 -36.81 6.95 -7.83
N LEU A 713 -36.59 6.26 -6.72
CA LEU A 713 -35.26 5.90 -6.27
C LEU A 713 -35.37 4.47 -5.80
N HIS A 714 -34.64 3.58 -6.46
CA HIS A 714 -34.79 2.15 -6.37
C HIS A 714 -33.45 1.57 -5.93
N PHE A 715 -33.42 0.81 -4.85
CA PHE A 715 -32.21 0.10 -4.39
C PHE A 715 -32.39 -1.41 -4.51
N GLN A 716 -31.41 -2.07 -5.09
CA GLN A 716 -31.36 -3.52 -5.21
C GLN A 716 -30.20 -4.02 -4.39
N LEU A 717 -30.50 -4.87 -3.42
CA LEU A 717 -29.49 -5.40 -2.52
C LEU A 717 -29.37 -6.93 -2.71
N ALA A 718 -28.14 -7.44 -2.58
CA ALA A 718 -27.86 -8.85 -2.83
C ALA A 718 -26.61 -9.31 -2.09
N ARG A 719 -26.49 -10.62 -1.90
CA ARG A 719 -25.30 -11.21 -1.32
C ARG A 719 -24.79 -12.40 -2.16
N THR A 720 -23.49 -12.47 -2.42
CA THR A 720 -22.89 -13.62 -3.08
C THR A 720 -21.79 -14.20 -2.23
N GLY A 721 -21.26 -15.33 -2.71
CA GLY A 721 -20.23 -16.05 -2.03
C GLY A 721 -20.84 -17.09 -1.15
N LYS A 722 -20.00 -18.01 -0.70
CA LYS A 722 -20.48 -19.14 0.07
C LYS A 722 -20.56 -18.84 1.56
N GLY A 723 -20.26 -17.62 1.98
CA GLY A 723 -20.27 -17.31 3.38
C GLY A 723 -19.10 -17.91 4.13
N TYR A 724 -19.14 -17.80 5.44
CA TYR A 724 -18.04 -18.17 6.30
C TYR A 724 -18.63 -18.43 7.65
N ARG A 725 -17.84 -18.99 8.55
CA ARG A 725 -18.36 -19.38 9.85
C ARG A 725 -18.49 -18.16 10.75
N GLY A 726 -19.62 -18.07 11.43
CA GLY A 726 -20.00 -16.85 12.14
C GLY A 726 -20.68 -15.75 11.33
N MET A 727 -20.84 -15.94 10.03
CA MET A 727 -21.50 -14.98 9.19
C MET A 727 -22.95 -14.78 9.68
N PRO A 728 -23.37 -13.53 10.01
CA PRO A 728 -24.81 -13.37 10.31
C PRO A 728 -25.72 -13.68 9.13
N GLU A 729 -26.76 -14.47 9.35
CA GLU A 729 -27.74 -14.69 8.31
C GLU A 729 -28.51 -13.42 8.02
N ARG A 730 -28.83 -12.65 9.06
CA ARG A 730 -29.68 -11.47 8.94
C ARG A 730 -29.01 -10.31 9.65
N ARG A 731 -28.80 -9.22 8.92
CA ARG A 731 -28.22 -7.99 9.45
C ARG A 731 -29.30 -6.94 9.53
N ALA A 732 -29.41 -6.36 10.71
CA ALA A 732 -30.24 -5.15 10.89
C ALA A 732 -29.52 -3.99 10.17
N THR A 733 -30.22 -3.40 9.24
CA THR A 733 -29.67 -2.41 8.33
C THR A 733 -30.46 -1.09 8.43
N THR A 734 -29.73 0.00 8.71
CA THR A 734 -30.24 1.35 8.63
C THR A 734 -29.63 1.98 7.41
N LEU A 735 -30.45 2.28 6.39
CA LEU A 735 -30.03 3.03 5.21
C LEU A 735 -30.44 4.51 5.35
N VAL A 736 -29.45 5.42 5.27
CA VAL A 736 -29.72 6.86 5.34
C VAL A 736 -29.43 7.51 4.03
N ILE A 737 -30.46 8.08 3.38
CA ILE A 737 -30.33 8.67 2.10
C ILE A 737 -30.17 10.18 2.32
N HIS A 738 -28.99 10.70 1.99
CA HIS A 738 -28.70 12.11 2.10
C HIS A 738 -29.17 12.75 0.85
N ASN A 739 -29.55 14.01 0.98
CA ASN A 739 -30.12 14.78 -0.10
C ASN A 739 -31.34 14.13 -0.75
N ALA A 740 -32.11 13.39 0.06
CA ALA A 740 -33.32 12.76 -0.40
C ALA A 740 -34.40 13.77 -0.70
N SER A 741 -35.11 13.52 -1.79
CA SER A 741 -36.21 14.36 -2.18
C SER A 741 -37.24 14.37 -1.06
N ASP A 742 -37.84 15.55 -0.87
CA ASP A 742 -38.97 15.66 0.02
C ASP A 742 -40.33 15.21 -0.61
N GLN A 743 -40.33 14.74 -1.86
N GLN A 743 -40.32 14.72 -1.85
CA GLN A 743 -41.57 14.32 -2.53
CA GLN A 743 -41.56 14.32 -2.53
C GLN A 743 -41.82 12.80 -2.55
C GLN A 743 -41.83 12.81 -2.52
N TYR A 744 -41.02 12.00 -1.83
CA TYR A 744 -41.27 10.56 -1.77
C TYR A 744 -42.46 10.32 -0.83
N GLN A 745 -43.52 9.72 -1.36
CA GLN A 745 -44.77 9.42 -0.66
C GLN A 745 -44.76 8.01 -0.07
N HIS A 746 -44.25 7.04 -0.82
CA HIS A 746 -44.24 5.68 -0.32
C HIS A 746 -43.03 4.88 -0.76
N LEU A 747 -42.86 3.82 0.01
CA LEU A 747 -41.78 2.90 -0.04
C LEU A 747 -42.40 1.55 -0.24
N ASP A 748 -41.88 0.76 -1.16
CA ASP A 748 -42.11 -0.65 -0.99
C ASP A 748 -40.83 -1.46 -0.85
N ILE A 749 -40.91 -2.43 0.07
CA ILE A 749 -39.86 -3.36 0.32
C ILE A 749 -40.32 -4.70 -0.24
N ASN A 750 -39.68 -5.18 -1.31
CA ASN A 750 -40.07 -6.41 -1.95
C ASN A 750 -41.59 -6.48 -2.24
N GLY A 751 -42.14 -5.39 -2.79
CA GLY A 751 -43.56 -5.34 -3.23
C GLY A 751 -44.57 -4.90 -2.20
N LYS A 752 -44.20 -4.97 -0.91
CA LYS A 752 -44.96 -4.53 0.25
C LYS A 752 -44.83 -3.02 0.60
N THR A 753 -45.94 -2.29 0.44
CA THR A 753 -46.01 -0.85 0.63
C THR A 753 -46.03 -0.43 2.08
N ILE A 754 -45.16 0.53 2.44
CA ILE A 754 -44.94 1.06 3.81
C ILE A 754 -45.04 2.59 3.71
N ALA A 755 -45.72 3.23 4.66
CA ALA A 755 -45.84 4.70 4.61
C ALA A 755 -44.53 5.35 5.05
N ILE A 756 -44.21 6.49 4.47
CA ILE A 756 -43.04 7.25 4.94
C ILE A 756 -43.49 8.31 5.96
N ALA A 757 -43.04 8.18 7.20
CA ALA A 757 -43.29 9.20 8.22
C ALA A 757 -42.50 10.50 7.92
N GLN A 758 -43.04 11.64 8.33
CA GLN A 758 -42.44 12.96 8.07
C GLN A 758 -42.24 13.74 9.37
N ALA A 759 -42.18 13.02 10.49
CA ALA A 759 -41.98 13.64 11.79
C ALA A 759 -41.36 12.62 12.68
N ASP A 760 -40.58 13.11 13.66
CA ASP A 760 -40.14 12.28 14.79
C ASP A 760 -39.31 11.09 14.35
N CYS A 761 -38.42 11.28 13.36
CA CYS A 761 -37.63 10.15 12.81
C CYS A 761 -36.59 9.67 13.80
N ALA A 762 -35.96 10.65 14.46
CA ALA A 762 -35.01 10.37 15.55
C ALA A 762 -35.70 9.87 16.85
N SER A 763 -37.04 9.95 16.95
CA SER A 763 -37.79 9.69 18.22
C SER A 763 -38.90 8.57 18.18
N THR A 764 -39.01 7.83 17.07
CA THR A 764 -39.87 6.66 16.95
C THR A 764 -39.06 5.54 16.28
N PRO A 765 -39.37 4.23 16.58
CA PRO A 765 -38.83 3.04 15.86
C PRO A 765 -39.39 2.90 14.41
N ALA A 766 -39.28 4.02 13.69
CA ALA A 766 -39.83 4.21 12.36
C ALA A 766 -39.11 3.28 11.36
N LEU A 767 -39.89 2.72 10.44
CA LEU A 767 -39.36 1.86 9.40
C LEU A 767 -38.93 2.70 8.19
N ALA A 768 -39.64 3.81 7.94
CA ALA A 768 -39.26 4.77 6.92
C ALA A 768 -39.60 6.15 7.45
N CYS A 769 -38.65 7.06 7.52
CA CYS A 769 -38.93 8.38 8.03
C CYS A 769 -38.06 9.45 7.36
N TYR A 770 -38.71 10.51 6.89
CA TYR A 770 -38.05 11.63 6.25
C TYR A 770 -37.83 12.75 7.26
N ASP A 771 -36.57 13.15 7.45
CA ASP A 771 -36.21 14.27 8.30
C ASP A 771 -36.09 15.51 7.40
N GLN A 772 -37.10 16.38 7.45
CA GLN A 772 -37.17 17.55 6.55
C GLN A 772 -36.10 18.61 6.78
N GLU A 773 -35.69 18.79 8.02
CA GLU A 773 -34.64 19.73 8.39
C GLU A 773 -33.27 19.28 7.86
N ARG A 774 -32.95 17.98 7.94
CA ARG A 774 -31.65 17.44 7.41
C ARG A 774 -31.71 16.91 5.98
N ARG A 775 -32.89 16.88 5.35
CA ARG A 775 -33.06 16.27 4.05
C ARG A 775 -32.48 14.83 3.96
N GLN A 776 -32.78 14.03 4.97
CA GLN A 776 -32.36 12.65 5.07
C GLN A 776 -33.57 11.74 5.21
N LEU A 777 -33.62 10.68 4.39
CA LEU A 777 -34.65 9.67 4.48
C LEU A 777 -34.01 8.41 5.04
N GLN A 778 -34.54 7.94 6.18
CA GLN A 778 -33.97 6.82 6.92
C GLN A 778 -34.88 5.59 6.75
N LEU A 779 -34.31 4.48 6.27
CA LEU A 779 -35.02 3.19 6.13
C LEU A 779 -34.39 2.17 7.04
N VAL A 780 -35.19 1.46 7.85
CA VAL A 780 -34.68 0.40 8.74
C VAL A 780 -35.34 -0.94 8.34
N PHE A 781 -34.50 -1.95 8.14
CA PHE A 781 -34.97 -3.23 7.57
C PHE A 781 -34.01 -4.37 7.93
N THR A 782 -34.33 -5.57 7.46
CA THR A 782 -33.56 -6.78 7.78
C THR A 782 -32.99 -7.23 6.44
N TRP A 783 -31.68 -7.41 6.37
CA TRP A 783 -31.03 -7.77 5.13
C TRP A 783 -30.58 -9.20 5.32
N GLY A 784 -31.35 -10.11 4.74
CA GLY A 784 -31.07 -11.51 4.91
C GLY A 784 -30.38 -11.98 3.65
N ARG A 785 -30.43 -13.28 3.42
CA ARG A 785 -29.63 -13.88 2.36
C ARG A 785 -30.23 -13.66 0.95
N GLU A 786 -31.55 -13.53 0.86
CA GLU A 786 -32.21 -13.34 -0.43
C GLU A 786 -32.16 -11.89 -0.88
N ALA A 787 -32.38 -11.71 -2.17
CA ALA A 787 -32.33 -10.38 -2.75
C ALA A 787 -33.45 -9.53 -2.13
N LEU A 788 -33.18 -8.24 -2.06
CA LEU A 788 -34.06 -7.28 -1.47
C LEU A 788 -34.14 -6.09 -2.42
N ASN A 789 -35.33 -5.56 -2.57
N ASN A 789 -35.36 -5.65 -2.73
CA ASN A 789 -35.54 -4.46 -3.44
CA ASN A 789 -35.58 -4.42 -3.46
C ASN A 789 -36.35 -3.38 -2.69
C ASN A 789 -36.27 -3.42 -2.56
N LEU A 790 -35.79 -2.18 -2.57
CA LEU A 790 -36.43 -1.05 -1.87
C LEU A 790 -36.74 0.00 -2.90
N ARG A 791 -38.02 0.35 -3.04
CA ARG A 791 -38.42 1.28 -4.06
C ARG A 791 -39.15 2.49 -3.49
N LEU A 792 -38.60 3.68 -3.69
CA LEU A 792 -39.23 4.92 -3.21
C LEU A 792 -39.87 5.57 -4.43
N HIS A 793 -41.09 6.07 -4.30
CA HIS A 793 -41.80 6.65 -5.42
C HIS A 793 -42.54 7.92 -4.97
N LYS A 794 -42.53 8.92 -5.83
CA LYS A 794 -43.33 10.11 -5.67
C LYS A 794 -44.74 9.78 -6.16
#